data_4NMH
#
_entry.id   4NMH
#
_cell.length_a   96.132
_cell.length_b   70.842
_cell.length_c   95.653
_cell.angle_alpha   90.00
_cell.angle_beta   91.67
_cell.angle_gamma   90.00
#
_symmetry.space_group_name_H-M   'P 1 21 1'
#
loop_
_entity.id
_entity.type
_entity.pdbx_description
1 polymer 'Corticosteroid 11-beta-dehydrogenase isozyme 1'
2 non-polymer (4S)-4-(2-methoxyphenyl)-3,3-dimethyl-1-[3-(methylsulfonyl)phenyl]azetidin-2-one
3 non-polymer 'NADPH DIHYDRO-NICOTINAMIDE-ADENINE-DINUCLEOTIDE PHOSPHATE'
4 non-polymer 'SULFATE ION'
5 water water
#
_entity_poly.entity_id   1
_entity_poly.type   'polypeptide(L)'
_entity_poly.pdbx_seq_one_letter_code
;MSYYHHHHHHDYDIPTTENLYFQGAMGNEEFRPEMLQGKKVIVTGASKGIGREMAYHLSKMGAHVVLTARSEEGLQKVVS
RCLELGAASAHYIAGTMEDMTFAEQFIVKAGKLMGGLDMLILNHITQTSLSLFHDDIHSVRRVMEVNFLSYVVMSTAALP
MLKQSNGSIAVISSLAGKVTYPMVAPYSASKFALDGFFSTIRTELYITKVNVSITLCVLGLIDTETAMKEISGIINAQAS
PKEECALEIIKGTALRKSEVYYDKSPLTPILLGNPGRKIMEFFSLRYYNKDMFVSN
;
_entity_poly.pdbx_strand_id   A,B,C,D
#
# COMPACT_ATOMS: atom_id res chain seq x y z
N GLU A 29 6.63 9.07 44.67
CA GLU A 29 6.84 9.60 43.29
C GLU A 29 5.54 10.19 42.72
N GLU A 30 5.67 11.32 42.02
CA GLU A 30 4.52 11.98 41.41
C GLU A 30 4.73 12.27 39.94
N PHE A 31 3.66 12.14 39.16
CA PHE A 31 3.70 12.31 37.72
C PHE A 31 3.83 13.78 37.33
N ARG A 32 4.73 14.05 36.39
CA ARG A 32 4.83 15.35 35.76
C ARG A 32 4.70 15.14 34.26
N PRO A 33 3.94 16.02 33.58
CA PRO A 33 3.75 15.86 32.13
C PRO A 33 5.00 16.21 31.29
N GLU A 34 6.08 16.59 31.96
CA GLU A 34 7.35 16.81 31.28
C GLU A 34 8.14 15.52 31.09
N MET A 35 7.67 14.45 31.73
CA MET A 35 8.32 13.14 31.64
C MET A 35 8.14 12.50 30.25
N LEU A 36 7.05 12.84 29.59
CA LEU A 36 6.75 12.35 28.24
C LEU A 36 7.14 13.34 27.15
N GLN A 37 7.42 14.58 27.54
CA GLN A 37 7.90 15.60 26.61
C GLN A 37 9.17 15.12 25.92
N GLY A 38 9.08 14.93 24.61
CA GLY A 38 10.22 14.51 23.80
C GLY A 38 10.41 13.00 23.73
N LYS A 39 9.65 12.25 24.53
CA LYS A 39 9.74 10.79 24.53
C LYS A 39 9.06 10.22 23.29
N LYS A 40 9.58 9.08 22.84
CA LYS A 40 9.10 8.43 21.62
C LYS A 40 8.14 7.30 21.96
N VAL A 41 6.86 7.53 21.68
CA VAL A 41 5.78 6.64 22.08
C VAL A 41 5.07 5.97 20.91
N ILE A 42 4.63 4.74 21.12
CA ILE A 42 3.81 4.01 20.16
C ILE A 42 2.47 3.69 20.79
N VAL A 43 1.39 4.00 20.09
CA VAL A 43 0.04 3.70 20.57
C VAL A 43 -0.72 2.88 19.52
N THR A 44 -1.09 1.65 19.88
CA THR A 44 -1.88 0.80 19.01
C THR A 44 -3.36 1.07 19.22
N GLY A 45 -4.17 0.73 18.22
CA GLY A 45 -5.60 1.03 18.23
C GLY A 45 -5.85 2.49 18.56
N ALA A 46 -5.11 3.36 17.90
CA ALA A 46 -5.12 4.80 18.18
C ALA A 46 -6.20 5.59 17.43
N SER A 47 -6.96 4.91 16.57
CA SER A 47 -7.96 5.58 15.71
C SER A 47 -9.20 6.05 16.46
N LYS A 48 -9.53 5.38 17.56
CA LYS A 48 -10.70 5.73 18.36
C LYS A 48 -10.62 5.12 19.76
N GLY A 49 -11.55 5.53 20.61
CA GLY A 49 -11.63 5.00 21.97
C GLY A 49 -10.53 5.53 22.88
N ILE A 50 -10.12 4.69 23.83
CA ILE A 50 -9.09 5.02 24.82
C ILE A 50 -7.73 5.32 24.15
N GLY A 51 -7.41 4.57 23.10
CA GLY A 51 -6.16 4.76 22.37
C GLY A 51 -6.05 6.16 21.77
N ARG A 52 -7.14 6.62 21.19
CA ARG A 52 -7.22 7.97 20.64
C ARG A 52 -7.05 9.04 21.71
N GLU A 53 -7.65 8.80 22.88
CA GLU A 53 -7.50 9.73 24.00
C GLU A 53 -6.04 9.76 24.47
N MET A 54 -5.45 8.59 24.61
CA MET A 54 -4.03 8.46 24.96
C MET A 54 -3.14 9.21 23.96
N ALA A 55 -3.45 9.10 22.68
CA ALA A 55 -2.76 9.86 21.63
C ALA A 55 -2.80 11.36 21.94
N TYR A 56 -3.98 11.88 22.26
CA TYR A 56 -4.17 13.32 22.51
C TYR A 56 -3.42 13.80 23.74
N HIS A 57 -3.49 13.03 24.83
CA HIS A 57 -2.78 13.38 26.06
C HIS A 57 -1.27 13.43 25.86
N LEU A 58 -0.74 12.47 25.11
CA LEU A 58 0.69 12.42 24.82
C LEU A 58 1.09 13.60 23.92
N SER A 59 0.22 13.95 22.99
CA SER A 59 0.46 15.08 22.07
C SER A 59 0.49 16.41 22.81
N LYS A 60 -0.44 16.59 23.74
CA LYS A 60 -0.45 17.76 24.62
C LYS A 60 0.83 17.88 25.44
N MET A 61 1.36 16.73 25.87
CA MET A 61 2.61 16.69 26.62
C MET A 61 3.87 16.92 25.77
N GLY A 62 3.70 16.97 24.44
CA GLY A 62 4.82 17.26 23.55
C GLY A 62 5.71 16.06 23.27
N ALA A 63 5.09 14.91 23.09
CA ALA A 63 5.81 13.66 22.82
C ALA A 63 5.85 13.37 21.32
N HIS A 64 6.71 12.43 20.94
CA HIS A 64 6.72 11.87 19.58
C HIS A 64 5.85 10.62 19.56
N VAL A 65 4.89 10.59 18.65
CA VAL A 65 3.94 9.49 18.55
C VAL A 65 3.92 8.83 17.18
N VAL A 66 3.85 7.51 17.17
CA VAL A 66 3.49 6.76 15.97
C VAL A 66 2.24 5.94 16.31
N LEU A 67 1.18 6.16 15.54
CA LEU A 67 -0.12 5.55 15.79
C LEU A 67 -0.44 4.42 14.81
N THR A 68 -1.36 3.54 15.19
CA THR A 68 -1.79 2.48 14.28
C THR A 68 -3.21 2.01 14.54
N ALA A 69 -3.81 1.50 13.47
CA ALA A 69 -5.15 0.90 13.45
C ALA A 69 -5.37 0.38 12.03
N ARG A 70 -6.56 -0.10 11.74
CA ARG A 70 -6.87 -0.53 10.37
C ARG A 70 -7.26 0.68 9.51
N SER A 71 -8.16 1.52 10.04
CA SER A 71 -8.71 2.65 9.29
C SER A 71 -7.65 3.71 8.97
N GLU A 72 -7.29 3.81 7.69
CA GLU A 72 -6.36 4.83 7.21
C GLU A 72 -6.91 6.23 7.44
N GLU A 73 -8.17 6.43 7.09
CA GLU A 73 -8.83 7.72 7.29
C GLU A 73 -8.92 8.10 8.77
N GLY A 74 -9.26 7.11 9.59
CA GLY A 74 -9.40 7.32 11.02
C GLY A 74 -8.12 7.76 11.69
N LEU A 75 -7.00 7.16 11.26
CA LEU A 75 -5.67 7.54 11.76
C LEU A 75 -5.28 8.96 11.31
N GLN A 76 -5.44 9.21 10.02
CA GLN A 76 -5.15 10.52 9.42
C GLN A 76 -5.75 11.68 10.21
N LYS A 77 -7.02 11.52 10.60
CA LYS A 77 -7.75 12.53 11.35
C LYS A 77 -7.16 12.74 12.74
N VAL A 78 -6.79 11.63 13.39
CA VAL A 78 -6.21 11.68 14.73
C VAL A 78 -4.79 12.25 14.69
N VAL A 79 -4.02 11.88 13.67
CA VAL A 79 -2.66 12.42 13.50
C VAL A 79 -2.69 13.94 13.32
N SER A 80 -3.59 14.42 12.46
CA SER A 80 -3.81 15.87 12.27
C SER A 80 -4.08 16.59 13.58
N ARG A 81 -4.99 16.03 14.35
CA ARG A 81 -5.38 16.60 15.63
C ARG A 81 -4.20 16.58 16.60
N CYS A 82 -3.40 15.52 16.54
CA CYS A 82 -2.22 15.39 17.40
C CYS A 82 -1.20 16.49 17.13
N LEU A 83 -1.00 16.84 15.86
CA LEU A 83 -0.13 17.97 15.50
C LEU A 83 -0.66 19.28 16.07
N GLU A 84 -1.96 19.53 15.88
CA GLU A 84 -2.61 20.74 16.41
C GLU A 84 -2.49 20.83 17.93
N LEU A 85 -2.59 19.69 18.62
CA LEU A 85 -2.49 19.65 20.07
C LEU A 85 -1.06 19.85 20.58
N GLY A 86 -0.08 19.62 19.71
CA GLY A 86 1.31 20.00 19.99
C GLY A 86 2.32 18.86 20.08
N ALA A 87 2.11 17.82 19.27
CA ALA A 87 3.06 16.71 19.23
C ALA A 87 4.39 17.16 18.62
N ALA A 88 5.49 16.66 19.15
CA ALA A 88 6.81 16.89 18.56
C ALA A 88 6.81 16.35 17.14
N SER A 89 6.34 15.13 17.00
CA SER A 89 6.09 14.51 15.71
C SER A 89 4.85 13.64 15.80
N ALA A 90 4.40 13.14 14.65
CA ALA A 90 3.17 12.35 14.58
C ALA A 90 3.05 11.63 13.25
N HIS A 91 3.01 10.30 13.30
CA HIS A 91 2.85 9.49 12.08
C HIS A 91 1.86 8.35 12.29
N TYR A 92 1.30 7.86 11.19
CA TYR A 92 0.42 6.70 11.21
C TYR A 92 0.93 5.62 10.26
N ILE A 93 0.69 4.37 10.65
CA ILE A 93 0.90 3.20 9.81
C ILE A 93 -0.33 2.30 9.95
N ALA A 94 -1.09 2.16 8.86
CA ALA A 94 -2.34 1.40 8.89
C ALA A 94 -2.11 -0.10 8.61
N GLY A 95 -2.95 -0.93 9.22
CA GLY A 95 -2.91 -2.38 9.00
C GLY A 95 -3.69 -3.16 10.04
N THR A 96 -3.85 -4.46 9.78
CA THR A 96 -4.51 -5.37 10.72
C THR A 96 -3.46 -6.09 11.58
N MET A 97 -3.73 -6.18 12.88
CA MET A 97 -2.83 -6.83 13.83
C MET A 97 -3.12 -8.32 13.97
N GLU A 98 -3.96 -8.84 13.07
CA GLU A 98 -4.13 -10.28 12.93
C GLU A 98 -2.97 -10.82 12.09
N ASP A 99 -2.34 -9.94 11.32
CA ASP A 99 -1.12 -10.26 10.60
C ASP A 99 0.09 -10.05 11.52
N MET A 100 0.79 -11.14 11.83
CA MET A 100 1.96 -11.08 12.71
C MET A 100 3.14 -10.43 12.02
N THR A 101 3.26 -10.64 10.71
CA THR A 101 4.30 -10.00 9.91
C THR A 101 4.19 -8.48 9.94
N PHE A 102 2.95 -7.99 9.88
CA PHE A 102 2.70 -6.56 9.98
C PHE A 102 3.07 -6.04 11.36
N ALA A 103 2.65 -6.78 12.38
CA ALA A 103 2.92 -6.40 13.79
C ALA A 103 4.40 -6.17 14.04
N GLU A 104 5.24 -7.05 13.49
CA GLU A 104 6.69 -6.95 13.63
C GLU A 104 7.26 -5.79 12.83
N GLN A 105 6.81 -5.65 11.58
CA GLN A 105 7.26 -4.57 10.70
C GLN A 105 6.84 -3.19 11.19
N PHE A 106 5.67 -3.12 11.81
CA PHE A 106 5.17 -1.87 12.35
C PHE A 106 6.15 -1.29 13.37
N ILE A 107 6.60 -2.14 14.30
CA ILE A 107 7.51 -1.71 15.37
C ILE A 107 8.85 -1.24 14.80
N VAL A 108 9.34 -1.95 13.78
CA VAL A 108 10.62 -1.61 13.15
C VAL A 108 10.55 -0.27 12.42
N LYS A 109 9.46 -0.01 11.71
CA LYS A 109 9.26 1.27 11.01
C LYS A 109 9.01 2.41 12.00
N ALA A 110 8.17 2.16 13.00
CA ALA A 110 7.92 3.12 14.06
C ALA A 110 9.24 3.59 14.66
N GLY A 111 10.10 2.64 14.99
CA GLY A 111 11.42 2.91 15.55
C GLY A 111 12.32 3.70 14.61
N LYS A 112 12.20 3.44 13.32
CA LYS A 112 12.98 4.17 12.30
C LYS A 112 12.50 5.61 12.13
N LEU A 113 11.19 5.82 12.17
CA LEU A 113 10.63 7.18 12.07
C LEU A 113 11.09 8.09 13.22
N MET A 114 11.05 7.57 14.45
CA MET A 114 11.32 8.37 15.65
C MET A 114 12.79 8.34 16.10
N GLY A 115 13.57 7.41 15.56
CA GLY A 115 14.97 7.26 15.94
C GLY A 115 15.18 6.54 17.27
N GLY A 116 14.15 5.83 17.72
CA GLY A 116 14.18 5.08 18.98
C GLY A 116 12.79 4.80 19.50
N LEU A 117 12.71 4.23 20.70
CA LEU A 117 11.43 3.96 21.36
C LEU A 117 11.56 4.03 22.88
N ASP A 118 10.65 4.78 23.50
CA ASP A 118 10.65 4.97 24.97
C ASP A 118 9.46 4.29 25.65
N MET A 119 8.29 4.33 25.00
CA MET A 119 7.08 3.71 25.56
C MET A 119 6.27 2.98 24.49
N LEU A 120 5.73 1.83 24.86
CA LEU A 120 4.94 1.00 23.94
C LEU A 120 3.58 0.71 24.57
N ILE A 121 2.54 1.33 24.03
CA ILE A 121 1.19 1.16 24.58
C ILE A 121 0.38 0.17 23.73
N LEU A 122 0.40 -1.09 24.17
CA LEU A 122 -0.33 -2.17 23.52
C LEU A 122 -1.79 -2.15 23.99
N ASN A 123 -2.63 -1.48 23.21
CA ASN A 123 -4.00 -1.14 23.58
C ASN A 123 -5.07 -1.80 22.71
N HIS A 124 -4.69 -2.19 21.50
CA HIS A 124 -5.65 -2.66 20.50
C HIS A 124 -6.27 -4.02 20.83
N ILE A 125 -7.47 -4.24 20.28
CA ILE A 125 -8.17 -5.52 20.39
C ILE A 125 -9.00 -5.79 19.14
N THR A 126 -9.29 -7.06 18.89
CA THR A 126 -10.23 -7.45 17.84
C THR A 126 -11.66 -7.31 18.37
N GLN A 127 -12.60 -7.06 17.46
CA GLN A 127 -14.02 -6.92 17.81
C GLN A 127 -14.52 -8.17 18.52
N THR A 128 -15.32 -7.97 19.57
CA THR A 128 -15.98 -9.08 20.25
C THR A 128 -17.42 -8.71 20.60
N SER A 129 -18.33 -9.65 20.38
CA SER A 129 -19.74 -9.48 20.76
C SER A 129 -20.05 -10.27 22.02
N LEU A 130 -20.94 -9.73 22.84
CA LEU A 130 -21.39 -10.43 24.04
C LEU A 130 -22.38 -11.51 23.65
N SER A 131 -21.95 -12.76 23.77
CA SER A 131 -22.83 -13.91 23.60
C SER A 131 -22.25 -15.14 24.30
N LEU A 132 -23.14 -16.02 24.77
CA LEU A 132 -22.72 -17.27 25.40
C LEU A 132 -21.92 -18.08 24.39
N PHE A 133 -20.73 -18.53 24.77
CA PHE A 133 -19.87 -19.28 23.86
C PHE A 133 -20.61 -20.51 23.32
N HIS A 134 -20.71 -20.59 22.00
CA HIS A 134 -21.38 -21.73 21.36
C HIS A 134 -20.73 -22.11 20.03
N ASP A 135 -19.98 -23.22 20.06
CA ASP A 135 -19.37 -23.79 18.85
C ASP A 135 -18.60 -22.73 18.06
N ASP A 136 -17.76 -21.99 18.77
CA ASP A 136 -17.11 -20.80 18.21
C ASP A 136 -15.59 -20.89 18.27
N ILE A 137 -15.02 -21.84 17.51
CA ILE A 137 -13.58 -22.13 17.63
C ILE A 137 -12.69 -21.26 16.74
N HIS A 138 -13.11 -21.01 15.49
CA HIS A 138 -12.33 -20.15 14.58
C HIS A 138 -12.24 -18.71 15.07
N SER A 139 -13.27 -18.28 15.79
CA SER A 139 -13.30 -16.97 16.44
C SER A 139 -12.30 -16.88 17.59
N VAL A 140 -12.22 -17.95 18.38
CA VAL A 140 -11.29 -18.00 19.52
C VAL A 140 -9.85 -17.83 19.03
N ARG A 141 -9.50 -18.53 17.96
CA ARG A 141 -8.16 -18.42 17.37
C ARG A 141 -7.84 -16.97 17.00
N ARG A 142 -8.78 -16.35 16.29
CA ARG A 142 -8.63 -14.94 15.86
C ARG A 142 -8.43 -13.99 17.03
N VAL A 143 -9.17 -14.24 18.12
CA VAL A 143 -9.06 -13.41 19.32
C VAL A 143 -7.68 -13.55 19.95
N MET A 144 -7.17 -14.78 20.05
CA MET A 144 -5.83 -15.02 20.61
C MET A 144 -4.73 -14.40 19.74
N GLU A 145 -4.93 -14.42 18.42
CA GLU A 145 -3.98 -13.83 17.48
C GLU A 145 -3.86 -12.32 17.67
N VAL A 146 -5.00 -11.64 17.74
CA VAL A 146 -5.02 -10.18 17.84
C VAL A 146 -4.83 -9.68 19.27
N ASN A 147 -5.59 -10.23 20.21
CA ASN A 147 -5.60 -9.75 21.59
C ASN A 147 -4.37 -10.15 22.42
N PHE A 148 -3.69 -11.22 22.01
CA PHE A 148 -2.53 -11.72 22.76
C PHE A 148 -1.25 -11.89 21.93
N LEU A 149 -1.33 -12.68 20.87
CA LEU A 149 -0.12 -13.08 20.13
C LEU A 149 0.63 -11.89 19.53
N SER A 150 -0.09 -10.95 18.96
CA SER A 150 0.52 -9.76 18.37
C SER A 150 1.20 -8.90 19.44
N TYR A 151 0.66 -8.91 20.65
CA TYR A 151 1.25 -8.21 21.80
C TYR A 151 2.64 -8.77 22.08
N VAL A 152 2.76 -10.09 22.01
CA VAL A 152 4.05 -10.75 22.23
C VAL A 152 5.04 -10.37 21.12
N VAL A 153 4.58 -10.40 19.87
CA VAL A 153 5.39 -10.02 18.71
C VAL A 153 5.94 -8.60 18.86
N MET A 154 5.06 -7.67 19.19
CA MET A 154 5.42 -6.25 19.26
C MET A 154 6.34 -5.93 20.44
N SER A 155 6.05 -6.54 21.59
CA SER A 155 6.91 -6.40 22.76
C SER A 155 8.30 -6.95 22.45
N THR A 156 8.34 -8.16 21.88
CA THR A 156 9.61 -8.80 21.48
C THR A 156 10.38 -7.94 20.50
N ALA A 157 9.68 -7.43 19.48
CA ALA A 157 10.29 -6.57 18.48
C ALA A 157 10.81 -5.27 19.10
N ALA A 158 10.04 -4.69 20.01
CA ALA A 158 10.35 -3.38 20.60
C ALA A 158 11.37 -3.41 21.76
N LEU A 159 11.58 -4.59 22.35
CA LEU A 159 12.35 -4.70 23.59
C LEU A 159 13.76 -4.10 23.50
N PRO A 160 14.53 -4.44 22.45
CA PRO A 160 15.88 -3.87 22.28
C PRO A 160 15.92 -2.33 22.33
N MET A 161 14.93 -1.67 21.72
CA MET A 161 14.84 -0.21 21.77
C MET A 161 14.49 0.29 23.18
N LEU A 162 13.61 -0.45 23.87
CA LEU A 162 13.24 -0.11 25.25
C LEU A 162 14.37 -0.37 26.25
N LYS A 163 15.21 -1.36 25.95
CA LYS A 163 16.43 -1.61 26.75
C LYS A 163 17.40 -0.45 26.64
N GLN A 164 17.57 0.06 25.43
CA GLN A 164 18.49 1.17 25.14
C GLN A 164 18.08 2.45 25.88
N SER A 165 16.78 2.65 26.07
CA SER A 165 16.24 3.86 26.69
C SER A 165 15.72 3.68 28.11
N ASN A 166 15.79 2.45 28.63
CA ASN A 166 15.15 2.10 29.89
C ASN A 166 13.67 2.48 29.88
N GLY A 167 12.96 1.93 28.90
CA GLY A 167 11.59 2.33 28.59
C GLY A 167 10.52 1.56 29.33
N SER A 168 9.29 1.64 28.82
CA SER A 168 8.13 1.04 29.46
C SER A 168 7.21 0.38 28.45
N ILE A 169 6.38 -0.54 28.94
CA ILE A 169 5.31 -1.13 28.13
C ILE A 169 3.99 -1.05 28.87
N ALA A 170 2.97 -0.54 28.18
CA ALA A 170 1.61 -0.46 28.72
C ALA A 170 0.81 -1.62 28.13
N VAL A 171 0.41 -2.55 28.99
CA VAL A 171 -0.37 -3.71 28.58
C VAL A 171 -1.80 -3.54 29.07
N ILE A 172 -2.67 -3.10 28.17
CA ILE A 172 -4.04 -2.72 28.52
C ILE A 172 -4.91 -3.97 28.67
N SER A 173 -5.41 -4.19 29.87
CA SER A 173 -6.22 -5.37 30.19
C SER A 173 -7.61 -4.96 30.68
N SER A 174 -8.27 -5.87 31.39
CA SER A 174 -9.65 -5.68 31.83
C SER A 174 -9.88 -6.29 33.21
N LEU A 175 -11.06 -6.02 33.78
CA LEU A 175 -11.55 -6.78 34.93
C LEU A 175 -11.72 -8.24 34.51
N ALA A 176 -12.15 -8.45 33.27
CA ALA A 176 -12.30 -9.78 32.67
C ALA A 176 -10.96 -10.50 32.40
N GLY A 177 -9.85 -9.82 32.66
CA GLY A 177 -8.52 -10.44 32.66
C GLY A 177 -8.06 -10.93 34.03
N LYS A 178 -8.81 -10.58 35.07
CA LYS A 178 -8.51 -11.01 36.45
C LYS A 178 -9.63 -11.88 37.03
N VAL A 179 -10.86 -11.49 36.77
CA VAL A 179 -12.04 -12.26 37.16
C VAL A 179 -12.84 -12.63 35.90
N THR A 180 -13.78 -13.56 36.06
CA THR A 180 -14.57 -14.07 34.93
C THR A 180 -15.96 -13.46 34.83
N TYR A 181 -16.45 -13.31 33.60
CA TYR A 181 -17.81 -12.87 33.31
C TYR A 181 -18.46 -13.74 32.23
N PRO A 182 -19.76 -14.02 32.35
CA PRO A 182 -20.45 -14.72 31.26
C PRO A 182 -20.47 -13.93 29.95
N MET A 183 -20.54 -14.66 28.84
CA MET A 183 -20.64 -14.08 27.48
C MET A 183 -19.36 -13.35 26.99
N VAL A 184 -18.22 -13.68 27.57
CA VAL A 184 -16.94 -13.06 27.16
C VAL A 184 -15.76 -14.04 27.32
N ALA A 185 -15.98 -15.29 26.92
CA ALA A 185 -15.00 -16.38 27.14
C ALA A 185 -13.68 -16.22 26.39
N PRO A 186 -13.72 -15.98 25.07
CA PRO A 186 -12.46 -15.81 24.30
C PRO A 186 -11.72 -14.52 24.64
N TYR A 187 -12.46 -13.45 24.88
CA TYR A 187 -11.91 -12.18 25.36
C TYR A 187 -11.14 -12.36 26.68
N SER A 188 -11.75 -13.06 27.64
CA SER A 188 -11.11 -13.33 28.93
C SER A 188 -9.87 -14.20 28.77
N ALA A 189 -9.99 -15.27 27.99
CA ALA A 189 -8.85 -16.15 27.73
C ALA A 189 -7.62 -15.33 27.30
N SER A 190 -7.82 -14.40 26.37
CA SER A 190 -6.72 -13.59 25.84
C SER A 190 -6.14 -12.65 26.89
N LYS A 191 -6.99 -11.94 27.62
CA LYS A 191 -6.55 -10.99 28.65
C LYS A 191 -5.92 -11.68 29.86
N PHE A 192 -6.43 -12.87 30.21
CA PHE A 192 -5.80 -13.72 31.22
C PHE A 192 -4.39 -14.11 30.74
N ALA A 193 -4.28 -14.46 29.46
CA ALA A 193 -2.98 -14.81 28.86
C ALA A 193 -2.00 -13.65 28.95
N LEU A 194 -2.49 -12.44 28.77
CA LEU A 194 -1.66 -11.24 28.91
C LEU A 194 -1.13 -11.08 30.34
N ASP A 195 -1.94 -11.45 31.33
CA ASP A 195 -1.53 -11.39 32.73
C ASP A 195 -0.49 -12.45 33.06
N GLY A 196 -0.63 -13.61 32.44
CA GLY A 196 0.33 -14.71 32.64
C GLY A 196 1.68 -14.41 32.02
N PHE A 197 1.66 -13.97 30.76
CA PHE A 197 2.89 -13.75 30.00
C PHE A 197 3.69 -12.55 30.51
N PHE A 198 3.06 -11.38 30.50
CA PHE A 198 3.76 -10.12 30.82
C PHE A 198 4.11 -9.95 32.29
N SER A 199 3.41 -10.66 33.18
CA SER A 199 3.81 -10.69 34.60
C SER A 199 5.09 -11.51 34.77
N THR A 200 5.21 -12.60 34.00
CA THR A 200 6.44 -13.41 33.99
C THR A 200 7.62 -12.63 33.41
N ILE A 201 7.43 -12.02 32.24
CA ILE A 201 8.46 -11.22 31.58
C ILE A 201 8.93 -10.10 32.51
N ARG A 202 7.97 -9.45 33.17
CA ARG A 202 8.28 -8.39 34.14
C ARG A 202 9.28 -8.88 35.19
N THR A 203 8.96 -10.01 35.82
CA THR A 203 9.82 -10.62 36.83
C THR A 203 11.22 -10.94 36.26
N GLU A 204 11.26 -11.54 35.08
CA GLU A 204 12.53 -11.86 34.44
C GLU A 204 13.40 -10.60 34.25
N LEU A 205 12.78 -9.52 33.77
CA LEU A 205 13.48 -8.25 33.61
C LEU A 205 13.97 -7.69 34.94
N TYR A 206 13.18 -7.89 35.99
CA TYR A 206 13.53 -7.42 37.32
C TYR A 206 14.70 -8.18 37.92
N ILE A 207 14.60 -9.50 37.92
CA ILE A 207 15.65 -10.36 38.50
C ILE A 207 16.93 -10.41 37.67
N THR A 208 16.85 -9.99 36.40
CA THR A 208 18.04 -9.89 35.56
C THR A 208 18.55 -8.45 35.48
N LYS A 209 17.96 -7.57 36.28
CA LYS A 209 18.37 -6.15 36.40
C LYS A 209 18.26 -5.34 35.09
N VAL A 210 17.36 -5.76 34.20
CA VAL A 210 17.08 -5.03 32.97
C VAL A 210 16.04 -3.97 33.29
N ASN A 211 16.38 -2.71 33.05
CA ASN A 211 15.55 -1.59 33.52
C ASN A 211 14.43 -1.20 32.55
N VAL A 212 13.56 -2.16 32.26
CA VAL A 212 12.37 -1.92 31.45
C VAL A 212 11.14 -2.29 32.29
N SER A 213 10.18 -1.38 32.36
CA SER A 213 8.98 -1.60 33.16
C SER A 213 7.83 -2.15 32.32
N ILE A 214 6.97 -2.93 32.96
CA ILE A 214 5.75 -3.44 32.31
C ILE A 214 4.56 -3.10 33.20
N THR A 215 3.52 -2.52 32.61
CA THR A 215 2.33 -2.12 33.36
C THR A 215 1.08 -2.81 32.85
N LEU A 216 0.42 -3.55 33.73
CA LEU A 216 -0.86 -4.21 33.43
C LEU A 216 -2.03 -3.35 33.93
N CYS A 217 -2.69 -2.67 33.02
CA CYS A 217 -3.81 -1.78 33.36
C CYS A 217 -5.12 -2.54 33.43
N VAL A 218 -5.60 -2.78 34.65
CA VAL A 218 -6.89 -3.43 34.84
C VAL A 218 -7.99 -2.38 34.79
N LEU A 219 -8.82 -2.45 33.74
CA LEU A 219 -9.86 -1.45 33.48
C LEU A 219 -11.27 -2.01 33.63
N GLY A 220 -12.14 -1.23 34.27
CA GLY A 220 -13.56 -1.51 34.30
C GLY A 220 -14.25 -0.95 33.07
N LEU A 221 -15.57 -1.05 33.00
CA LEU A 221 -16.32 -0.58 31.83
C LEU A 221 -16.06 0.90 31.56
N ILE A 222 -15.61 1.20 30.34
CA ILE A 222 -15.28 2.56 29.90
C ILE A 222 -16.27 3.00 28.83
N ASP A 223 -16.62 4.29 28.84
CA ASP A 223 -17.71 4.83 28.00
C ASP A 223 -17.32 5.07 26.53
N THR A 224 -16.52 4.17 25.94
CA THR A 224 -16.20 4.25 24.52
C THR A 224 -17.41 3.81 23.70
N GLU A 225 -17.55 4.38 22.51
CA GLU A 225 -18.76 4.14 21.70
C GLU A 225 -18.95 2.66 21.32
N THR A 226 -17.85 1.93 21.16
CA THR A 226 -17.91 0.49 20.88
C THR A 226 -18.43 -0.31 22.07
N ALA A 227 -17.93 0.03 23.25
CA ALA A 227 -18.31 -0.66 24.48
C ALA A 227 -19.78 -0.45 24.82
N MET A 228 -20.23 0.80 24.72
CA MET A 228 -21.60 1.17 25.05
C MET A 228 -22.58 0.54 24.08
N LYS A 229 -22.21 0.52 22.80
CA LYS A 229 -22.98 -0.20 21.78
C LYS A 229 -23.14 -1.69 22.12
N GLU A 230 -22.06 -2.29 22.62
CA GLU A 230 -22.04 -3.74 22.91
C GLU A 230 -22.85 -4.11 24.15
N ILE A 231 -22.64 -3.39 25.25
CA ILE A 231 -23.37 -3.68 26.50
C ILE A 231 -24.84 -3.31 26.42
N SER A 232 -25.21 -2.57 25.38
CA SER A 232 -26.59 -2.13 25.13
C SER A 232 -27.57 -3.31 25.13
N GLY A 233 -28.58 -3.24 25.98
CA GLY A 233 -29.61 -4.28 26.07
C GLY A 233 -29.23 -5.54 26.83
N ILE A 234 -27.95 -5.68 27.16
CA ILE A 234 -27.42 -6.90 27.80
C ILE A 234 -26.98 -6.65 29.22
N ILE A 235 -26.10 -5.66 29.40
CA ILE A 235 -25.52 -5.34 30.71
C ILE A 235 -25.94 -3.96 31.18
N ASN A 236 -26.36 -3.88 32.44
CA ASN A 236 -26.77 -2.62 33.06
C ASN A 236 -25.74 -2.18 34.10
N ALA A 237 -24.69 -1.50 33.64
CA ALA A 237 -23.60 -1.07 34.50
C ALA A 237 -23.14 0.33 34.16
N GLN A 238 -22.64 1.05 35.15
CA GLN A 238 -22.16 2.43 34.95
C GLN A 238 -20.73 2.45 34.40
N ALA A 239 -20.53 3.26 33.37
CA ALA A 239 -19.22 3.40 32.72
C ALA A 239 -18.43 4.57 33.32
N SER A 240 -17.12 4.56 33.07
CA SER A 240 -16.23 5.64 33.48
C SER A 240 -15.74 6.41 32.25
N PRO A 241 -15.40 7.70 32.43
CA PRO A 241 -14.98 8.52 31.29
C PRO A 241 -13.66 8.07 30.64
N LYS A 242 -13.65 8.06 29.32
CA LYS A 242 -12.51 7.58 28.52
C LYS A 242 -11.27 8.50 28.55
N GLU A 243 -11.50 9.80 28.73
N GLU A 243 -11.48 9.80 28.75
CA GLU A 243 -10.41 10.78 28.82
CA GLU A 243 -10.38 10.76 28.80
C GLU A 243 -9.57 10.55 30.07
C GLU A 243 -9.55 10.57 30.08
N GLU A 244 -10.23 10.52 31.22
CA GLU A 244 -9.57 10.31 32.51
C GLU A 244 -8.87 8.93 32.54
N CYS A 245 -9.53 7.93 31.98
CA CYS A 245 -8.99 6.58 31.85
C CYS A 245 -7.65 6.56 31.10
N ALA A 246 -7.64 7.21 29.93
CA ALA A 246 -6.44 7.27 29.08
C ALA A 246 -5.27 7.90 29.83
N LEU A 247 -5.57 8.91 30.65
CA LEU A 247 -4.56 9.64 31.40
C LEU A 247 -3.91 8.77 32.47
N GLU A 248 -4.73 8.05 33.22
CA GLU A 248 -4.25 7.16 34.28
C GLU A 248 -3.30 6.08 33.75
N ILE A 249 -3.59 5.57 32.56
CA ILE A 249 -2.73 4.58 31.90
C ILE A 249 -1.37 5.19 31.62
N ILE A 250 -1.38 6.39 31.05
CA ILE A 250 -0.15 7.11 30.73
C ILE A 250 0.64 7.46 31.99
N LYS A 251 -0.06 7.89 33.03
CA LYS A 251 0.58 8.18 34.31
C LYS A 251 1.17 6.91 34.93
N GLY A 252 0.34 5.86 34.96
CA GLY A 252 0.73 4.58 35.57
C GLY A 252 1.94 3.93 34.92
N THR A 253 2.02 4.04 33.59
CA THR A 253 3.14 3.52 32.83
C THR A 253 4.39 4.38 33.05
N ALA A 254 4.21 5.70 32.97
CA ALA A 254 5.30 6.68 33.17
C ALA A 254 5.93 6.57 34.56
N LEU A 255 5.12 6.27 35.57
CA LEU A 255 5.60 6.08 36.95
C LEU A 255 6.05 4.64 37.22
N ARG A 256 6.06 3.82 36.17
CA ARG A 256 6.63 2.47 36.21
C ARG A 256 5.97 1.62 37.30
N LYS A 257 4.64 1.64 37.32
CA LYS A 257 3.87 0.83 38.26
C LYS A 257 3.58 -0.54 37.64
N SER A 258 3.56 -1.57 38.48
CA SER A 258 3.32 -2.93 38.02
C SER A 258 1.91 -3.08 37.47
N GLU A 259 0.94 -2.57 38.22
CA GLU A 259 -0.45 -2.58 37.79
C GLU A 259 -1.11 -1.23 38.04
N VAL A 260 -2.12 -0.94 37.23
CA VAL A 260 -2.96 0.25 37.40
C VAL A 260 -4.41 -0.20 37.36
N TYR A 261 -5.23 0.37 38.23
CA TYR A 261 -6.65 0.03 38.29
C TYR A 261 -7.52 1.24 38.00
N TYR A 262 -8.53 1.03 37.18
CA TYR A 262 -9.48 2.09 36.84
C TYR A 262 -10.90 1.55 36.72
N ASP A 263 -11.73 1.89 37.71
CA ASP A 263 -13.13 1.46 37.76
C ASP A 263 -13.93 2.44 38.59
N LYS A 264 -15.25 2.44 38.41
CA LYS A 264 -16.11 3.31 39.19
C LYS A 264 -16.07 2.98 40.68
N SER A 265 -16.18 1.69 41.00
CA SER A 265 -16.18 1.24 42.39
C SER A 265 -14.79 1.31 43.02
N PRO A 266 -14.67 1.85 44.24
CA PRO A 266 -13.40 1.86 44.96
C PRO A 266 -13.08 0.50 45.61
N LEU A 267 -14.05 -0.39 45.67
CA LEU A 267 -13.86 -1.76 46.17
C LEU A 267 -13.04 -2.64 45.22
N THR A 268 -12.92 -2.23 43.96
CA THR A 268 -12.29 -3.05 42.92
C THR A 268 -10.83 -3.41 43.23
N PRO A 269 -9.95 -2.40 43.41
CA PRO A 269 -8.54 -2.73 43.67
C PRO A 269 -8.30 -3.60 44.91
N ILE A 270 -9.16 -3.48 45.92
CA ILE A 270 -9.02 -4.30 47.14
C ILE A 270 -9.51 -5.74 46.90
N LEU A 271 -10.63 -5.90 46.21
CA LEU A 271 -11.13 -7.25 45.86
C LEU A 271 -10.30 -7.93 44.78
N LEU A 272 -9.61 -7.14 43.95
CA LEU A 272 -8.70 -7.66 42.93
C LEU A 272 -7.24 -7.44 43.31
N GLY A 273 -6.98 -7.31 44.61
CA GLY A 273 -5.63 -7.11 45.12
C GLY A 273 -4.83 -8.39 45.08
N ASN A 274 -5.41 -9.44 45.66
CA ASN A 274 -4.80 -10.78 45.70
C ASN A 274 -3.42 -10.73 46.35
N PRO A 275 -3.37 -10.60 47.68
CA PRO A 275 -2.10 -10.55 48.40
C PRO A 275 -1.42 -11.91 48.47
N GLY A 276 -2.20 -12.97 48.34
CA GLY A 276 -1.70 -14.34 48.34
C GLY A 276 -0.77 -14.61 47.17
N ARG A 277 -1.18 -14.19 45.97
CA ARG A 277 -0.35 -14.34 44.77
C ARG A 277 0.95 -13.53 44.87
N LYS A 278 0.89 -12.36 45.47
CA LYS A 278 2.07 -11.51 45.67
C LYS A 278 3.06 -12.15 46.65
N ILE A 279 2.53 -12.69 47.75
CA ILE A 279 3.34 -13.43 48.72
C ILE A 279 3.99 -14.65 48.06
N MET A 280 3.17 -15.43 47.39
CA MET A 280 3.59 -16.61 46.63
C MET A 280 4.78 -16.29 45.72
N GLU A 281 4.62 -15.27 44.89
CA GLU A 281 5.62 -14.91 43.87
C GLU A 281 6.96 -14.43 44.44
N PHE A 282 6.90 -13.73 45.57
CA PHE A 282 8.11 -13.20 46.21
C PHE A 282 8.98 -14.32 46.80
N PHE A 283 8.38 -15.17 47.64
CA PHE A 283 9.11 -16.27 48.28
C PHE A 283 9.57 -17.33 47.27
N SER A 284 8.82 -17.47 46.19
CA SER A 284 9.12 -18.48 45.16
C SER A 284 10.50 -18.29 44.51
N LEU A 285 10.99 -17.06 44.48
CA LEU A 285 12.30 -16.75 43.88
C LEU A 285 13.48 -17.39 44.63
N ARG A 286 13.25 -17.85 45.85
CA ARG A 286 14.28 -18.53 46.64
C ARG A 286 14.56 -19.96 46.14
N TYR A 287 13.55 -20.61 45.56
CA TYR A 287 13.72 -21.93 44.94
C TYR A 287 14.79 -21.94 43.85
N TYR A 288 14.92 -20.82 43.13
CA TYR A 288 15.79 -20.74 41.96
C TYR A 288 17.28 -20.67 42.29
N ASN A 289 18.07 -21.21 41.38
CA ASN A 289 19.52 -21.02 41.37
C ASN A 289 19.79 -19.59 40.88
N LYS A 290 20.36 -18.76 41.75
CA LYS A 290 20.63 -17.36 41.40
C LYS A 290 21.57 -17.21 40.20
N ASP A 291 22.40 -18.22 39.96
CA ASP A 291 23.32 -18.25 38.81
C ASP A 291 22.61 -18.20 37.45
N MET A 292 21.30 -18.46 37.43
CA MET A 292 20.49 -18.32 36.21
C MET A 292 20.25 -16.85 35.82
N PHE A 293 20.51 -15.92 36.74
CA PHE A 293 20.33 -14.49 36.50
C PHE A 293 21.65 -13.74 36.66
N GLU B 30 -18.41 -37.28 49.95
CA GLU B 30 -17.26 -38.22 50.11
C GLU B 30 -17.17 -39.17 48.93
N PHE B 31 -16.00 -39.23 48.31
CA PHE B 31 -15.79 -40.02 47.10
C PHE B 31 -15.78 -41.51 47.39
N ARG B 32 -16.27 -42.29 46.41
CA ARG B 32 -16.11 -43.74 46.44
C ARG B 32 -15.78 -44.23 45.03
N PRO B 33 -14.78 -45.12 44.91
CA PRO B 33 -14.30 -45.56 43.59
C PRO B 33 -15.33 -46.38 42.81
N GLU B 34 -16.34 -46.91 43.50
CA GLU B 34 -17.45 -47.58 42.82
C GLU B 34 -18.14 -46.66 41.82
N MET B 35 -18.18 -45.36 42.11
CA MET B 35 -18.76 -44.37 41.18
C MET B 35 -18.32 -44.62 39.75
N LEU B 36 -17.01 -44.61 39.54
CA LEU B 36 -16.43 -44.65 38.19
C LEU B 36 -16.45 -46.02 37.51
N GLN B 37 -17.01 -47.03 38.16
CA GLN B 37 -17.11 -48.36 37.55
C GLN B 37 -18.10 -48.32 36.38
N GLY B 38 -17.61 -48.73 35.21
CA GLY B 38 -18.42 -48.74 33.99
C GLY B 38 -18.51 -47.42 33.27
N LYS B 39 -17.92 -46.36 33.84
CA LYS B 39 -17.95 -45.04 33.23
C LYS B 39 -17.03 -44.97 32.00
N LYS B 40 -17.24 -43.95 31.19
CA LYS B 40 -16.56 -43.80 29.90
C LYS B 40 -15.66 -42.56 29.88
N VAL B 41 -14.36 -42.77 30.08
CA VAL B 41 -13.40 -41.69 30.30
C VAL B 41 -12.38 -41.56 29.16
N ILE B 42 -12.19 -40.33 28.69
CA ILE B 42 -11.08 -40.01 27.78
C ILE B 42 -9.95 -39.34 28.57
N VAL B 43 -8.74 -39.83 28.37
CA VAL B 43 -7.55 -39.28 29.03
C VAL B 43 -6.53 -38.87 27.97
N THR B 44 -6.24 -37.58 27.89
CA THR B 44 -5.22 -37.10 26.96
C THR B 44 -3.85 -37.12 27.63
N GLY B 45 -2.81 -37.25 26.82
CA GLY B 45 -1.43 -37.34 27.32
C GLY B 45 -1.22 -38.47 28.32
N ALA B 46 -1.70 -39.66 27.94
CA ALA B 46 -1.75 -40.81 28.83
C ALA B 46 -0.58 -41.79 28.64
N SER B 47 0.31 -41.49 27.70
CA SER B 47 1.45 -42.36 27.39
C SER B 47 2.50 -42.35 28.50
N LYS B 48 2.51 -41.28 29.29
CA LYS B 48 3.42 -41.14 30.42
C LYS B 48 2.91 -40.07 31.39
N GLY B 49 3.64 -39.90 32.49
CA GLY B 49 3.35 -38.85 33.46
C GLY B 49 2.08 -39.07 34.26
N ILE B 50 1.40 -37.97 34.57
CA ILE B 50 0.16 -38.02 35.35
C ILE B 50 -0.94 -38.76 34.60
N GLY B 51 -1.02 -38.55 33.28
CA GLY B 51 -2.06 -39.15 32.44
C GLY B 51 -2.03 -40.66 32.41
N ARG B 52 -0.82 -41.23 32.43
CA ARG B 52 -0.64 -42.68 32.50
C ARG B 52 -1.13 -43.22 33.84
N GLU B 53 -0.86 -42.50 34.93
CA GLU B 53 -1.28 -42.90 36.27
C GLU B 53 -2.79 -42.76 36.45
N MET B 54 -3.39 -41.82 35.75
CA MET B 54 -4.85 -41.66 35.75
C MET B 54 -5.51 -42.78 34.95
N ALA B 55 -4.88 -43.16 33.84
CA ALA B 55 -5.33 -44.30 33.04
C ALA B 55 -5.27 -45.60 33.85
N TYR B 56 -4.27 -45.72 34.70
CA TYR B 56 -4.14 -46.89 35.60
C TYR B 56 -5.22 -46.90 36.70
N HIS B 57 -5.40 -45.76 37.36
CA HIS B 57 -6.40 -45.64 38.41
C HIS B 57 -7.81 -45.94 37.90
N LEU B 58 -8.19 -45.31 36.79
CA LEU B 58 -9.50 -45.56 36.18
C LEU B 58 -9.68 -47.04 35.82
N SER B 59 -8.61 -47.66 35.32
CA SER B 59 -8.63 -49.10 35.02
C SER B 59 -8.87 -49.95 36.26
N LYS B 60 -8.17 -49.60 37.35
CA LYS B 60 -8.35 -50.28 38.64
C LYS B 60 -9.79 -50.15 39.15
N MET B 61 -10.42 -49.03 38.86
CA MET B 61 -11.82 -48.80 39.24
C MET B 61 -12.81 -49.46 38.29
N GLY B 62 -12.30 -50.03 37.20
CA GLY B 62 -13.12 -50.77 36.25
C GLY B 62 -13.88 -49.86 35.30
N ALA B 63 -13.15 -48.94 34.69
CA ALA B 63 -13.75 -47.97 33.78
C ALA B 63 -13.50 -48.37 32.33
N HIS B 64 -14.22 -47.71 31.43
CA HIS B 64 -13.92 -47.74 30.01
C HIS B 64 -13.08 -46.53 29.69
N VAL B 65 -11.84 -46.75 29.26
CA VAL B 65 -10.95 -45.64 28.90
C VAL B 65 -10.68 -45.59 27.40
N VAL B 66 -10.40 -44.39 26.91
CA VAL B 66 -9.76 -44.19 25.60
C VAL B 66 -8.60 -43.21 25.81
N LEU B 67 -7.39 -43.67 25.51
CA LEU B 67 -6.17 -42.91 25.78
C LEU B 67 -5.62 -42.30 24.50
N THR B 68 -4.88 -41.22 24.62
CA THR B 68 -4.32 -40.56 23.45
C THR B 68 -3.03 -39.81 23.74
N ALA B 69 -2.12 -39.91 22.76
CA ALA B 69 -0.86 -39.20 22.75
C ALA B 69 -0.34 -39.27 21.33
N ARG B 70 0.88 -38.79 21.08
CA ARG B 70 1.49 -38.96 19.76
C ARG B 70 2.12 -40.33 19.61
N SER B 71 2.83 -40.76 20.66
CA SER B 71 3.54 -42.05 20.66
C SER B 71 2.59 -43.25 20.66
N GLU B 72 2.54 -43.95 19.53
CA GLU B 72 1.67 -45.11 19.37
C GLU B 72 2.12 -46.29 20.24
N GLU B 73 3.40 -46.63 20.14
CA GLU B 73 3.99 -47.69 20.97
C GLU B 73 3.72 -47.46 22.45
N GLY B 74 3.86 -46.21 22.88
CA GLY B 74 3.63 -45.84 24.28
C GLY B 74 2.22 -46.13 24.74
N LEU B 75 1.25 -45.82 23.88
CA LEU B 75 -0.15 -46.07 24.17
C LEU B 75 -0.46 -47.57 24.24
N GLN B 76 0.16 -48.34 23.35
CA GLN B 76 0.00 -49.81 23.34
C GLN B 76 0.44 -50.43 24.66
N LYS B 77 1.57 -49.97 25.17
CA LYS B 77 2.09 -50.44 26.46
C LYS B 77 1.15 -50.09 27.62
N VAL B 78 0.56 -48.90 27.57
CA VAL B 78 -0.35 -48.46 28.65
C VAL B 78 -1.70 -49.16 28.56
N VAL B 79 -2.21 -49.35 27.35
CA VAL B 79 -3.48 -50.05 27.13
C VAL B 79 -3.38 -51.50 27.60
N SER B 80 -2.27 -52.15 27.31
CA SER B 80 -2.03 -53.52 27.76
C SER B 80 -2.04 -53.62 29.27
N ARG B 81 -1.36 -52.68 29.91
CA ARG B 81 -1.31 -52.61 31.36
C ARG B 81 -2.67 -52.26 31.96
N CYS B 82 -3.43 -51.44 31.25
CA CYS B 82 -4.78 -51.07 31.66
C CYS B 82 -5.73 -52.27 31.68
N LEU B 83 -5.59 -53.14 30.69
CA LEU B 83 -6.39 -54.37 30.62
C LEU B 83 -6.02 -55.33 31.73
N GLU B 84 -4.72 -55.46 32.02
CA GLU B 84 -4.25 -56.25 33.16
C GLU B 84 -4.85 -55.73 34.47
N LEU B 85 -4.78 -54.42 34.65
CA LEU B 85 -5.27 -53.77 35.87
C LEU B 85 -6.79 -53.84 36.06
N GLY B 86 -7.52 -54.22 35.02
CA GLY B 86 -8.95 -54.52 35.13
C GLY B 86 -9.90 -53.52 34.48
N ALA B 87 -9.44 -52.87 33.41
CA ALA B 87 -10.26 -51.91 32.68
C ALA B 87 -11.46 -52.59 32.03
N ALA B 88 -12.65 -52.01 32.19
CA ALA B 88 -13.85 -52.48 31.51
C ALA B 88 -13.57 -52.62 30.02
N SER B 89 -12.92 -51.59 29.47
CA SER B 89 -12.34 -51.64 28.12
C SER B 89 -11.15 -50.69 28.08
N ALA B 90 -10.33 -50.81 27.05
CA ALA B 90 -9.16 -49.95 26.87
C ALA B 90 -8.77 -49.84 25.39
N HIS B 91 -8.81 -48.62 24.86
CA HIS B 91 -8.40 -48.36 23.48
C HIS B 91 -7.55 -47.09 23.41
N TYR B 92 -6.92 -46.88 22.26
CA TYR B 92 -6.14 -45.65 22.05
C TYR B 92 -6.28 -45.11 20.63
N ILE B 93 -6.01 -43.81 20.49
CA ILE B 93 -5.95 -43.15 19.19
C ILE B 93 -4.73 -42.23 19.16
N ALA B 94 -3.74 -42.61 18.36
CA ALA B 94 -2.47 -41.87 18.31
C ALA B 94 -2.59 -40.65 17.40
N GLY B 95 -1.97 -39.54 17.83
CA GLY B 95 -1.93 -38.32 17.02
C GLY B 95 -1.51 -37.08 17.79
N THR B 96 -1.16 -36.03 17.04
CA THR B 96 -0.74 -34.76 17.63
C THR B 96 -1.92 -33.84 17.85
N MET B 97 -1.87 -33.11 18.96
CA MET B 97 -2.91 -32.14 19.34
C MET B 97 -2.51 -30.73 18.91
N GLU B 98 -1.40 -30.62 18.19
CA GLU B 98 -1.06 -29.41 17.46
C GLU B 98 -2.10 -29.19 16.36
N ASP B 99 -2.56 -30.31 15.81
CA ASP B 99 -3.61 -30.34 14.79
C ASP B 99 -5.00 -30.32 15.44
N MET B 100 -5.81 -29.34 15.09
CA MET B 100 -7.19 -29.23 15.61
C MET B 100 -8.15 -30.21 14.95
N THR B 101 -7.87 -30.60 13.70
CA THR B 101 -8.69 -31.60 12.99
C THR B 101 -8.63 -32.95 13.70
N PHE B 102 -7.43 -33.34 14.14
CA PHE B 102 -7.25 -34.57 14.90
C PHE B 102 -8.01 -34.49 16.22
N ALA B 103 -7.79 -33.39 16.94
CA ALA B 103 -8.41 -33.17 18.25
C ALA B 103 -9.92 -33.37 18.20
N GLU B 104 -10.56 -32.81 17.17
CA GLU B 104 -12.01 -32.92 16.98
C GLU B 104 -12.42 -34.36 16.63
N GLN B 105 -11.79 -34.92 15.60
CA GLN B 105 -12.08 -36.29 15.14
C GLN B 105 -11.78 -37.35 16.19
N PHE B 106 -10.79 -37.09 17.03
CA PHE B 106 -10.45 -37.96 18.16
C PHE B 106 -11.66 -38.17 19.08
N ILE B 107 -12.35 -37.08 19.39
CA ILE B 107 -13.51 -37.14 20.30
C ILE B 107 -14.67 -37.93 19.70
N VAL B 108 -14.96 -37.69 18.42
CA VAL B 108 -16.00 -38.43 17.70
C VAL B 108 -15.68 -39.92 17.61
N LYS B 109 -14.43 -40.24 17.30
CA LYS B 109 -13.98 -41.64 17.19
C LYS B 109 -14.01 -42.34 18.55
N ALA B 110 -13.47 -41.67 19.57
CA ALA B 110 -13.42 -42.20 20.95
C ALA B 110 -14.82 -42.40 21.51
N GLY B 111 -15.69 -41.42 21.27
CA GLY B 111 -17.08 -41.48 21.71
C GLY B 111 -17.81 -42.65 21.09
N LYS B 112 -17.53 -42.91 19.81
CA LYS B 112 -18.09 -44.07 19.12
C LYS B 112 -17.54 -45.39 19.69
N LEU B 113 -16.24 -45.43 19.94
CA LEU B 113 -15.60 -46.66 20.47
C LEU B 113 -16.22 -47.09 21.81
N MET B 114 -16.50 -46.11 22.67
CA MET B 114 -17.10 -46.38 23.98
C MET B 114 -18.63 -46.31 23.93
N GLY B 115 -19.18 -45.66 22.92
CA GLY B 115 -20.62 -45.48 22.79
C GLY B 115 -21.18 -44.52 23.81
N GLY B 116 -20.48 -43.39 23.98
CA GLY B 116 -20.82 -42.38 24.98
C GLY B 116 -19.59 -41.79 25.65
N LEU B 117 -19.80 -40.76 26.47
CA LEU B 117 -18.71 -40.13 27.21
C LEU B 117 -19.19 -39.52 28.54
N ASP B 118 -18.60 -39.97 29.64
CA ASP B 118 -18.96 -39.52 30.99
C ASP B 118 -17.94 -38.55 31.60
N MET B 119 -16.69 -38.64 31.18
CA MET B 119 -15.64 -37.82 31.76
C MET B 119 -14.53 -37.53 30.75
N LEU B 120 -14.12 -36.26 30.70
CA LEU B 120 -13.07 -35.83 29.77
C LEU B 120 -11.92 -35.19 30.57
N ILE B 121 -10.77 -35.86 30.56
CA ILE B 121 -9.58 -35.38 31.24
C ILE B 121 -8.61 -34.73 30.25
N LEU B 122 -8.59 -33.40 30.23
CA LEU B 122 -7.68 -32.63 29.37
C LEU B 122 -6.35 -32.40 30.11
N ASN B 123 -5.32 -33.12 29.68
CA ASN B 123 -4.08 -33.26 30.46
C ASN B 123 -2.80 -32.95 29.68
N HIS B 124 -2.78 -33.26 28.39
CA HIS B 124 -1.58 -33.12 27.55
C HIS B 124 -1.02 -31.70 27.49
N ILE B 125 0.31 -31.61 27.43
CA ILE B 125 1.00 -30.33 27.18
C ILE B 125 2.26 -30.56 26.36
N THR B 126 2.68 -29.52 25.63
CA THR B 126 3.97 -29.52 24.92
C THR B 126 5.14 -29.56 25.90
N GLN B 127 6.28 -30.10 25.47
CA GLN B 127 7.45 -30.17 26.35
C GLN B 127 7.87 -28.76 26.72
N THR B 128 8.16 -28.56 28.01
CA THR B 128 8.55 -27.25 28.51
C THR B 128 9.97 -27.28 29.04
N SER B 129 10.75 -26.29 28.64
CA SER B 129 12.09 -26.11 29.14
C SER B 129 12.13 -24.80 29.91
N LEU B 130 12.79 -24.81 31.06
CA LEU B 130 12.99 -23.59 31.84
C LEU B 130 14.03 -22.70 31.16
N SER B 131 13.61 -21.53 30.73
CA SER B 131 14.50 -20.60 30.04
C SER B 131 13.91 -19.19 30.06
N LEU B 132 14.77 -18.20 30.26
CA LEU B 132 14.35 -16.80 30.15
C LEU B 132 13.82 -16.59 28.73
N PHE B 133 12.64 -15.97 28.62
CA PHE B 133 11.92 -15.89 27.34
C PHE B 133 12.79 -15.35 26.21
N HIS B 134 12.88 -16.13 25.14
CA HIS B 134 13.61 -15.75 23.94
C HIS B 134 13.08 -16.46 22.69
N ASP B 135 11.85 -16.95 22.76
CA ASP B 135 11.27 -17.76 21.69
C ASP B 135 10.65 -16.86 20.63
N ASP B 136 10.68 -17.32 19.38
CA ASP B 136 9.99 -16.60 18.30
C ASP B 136 8.49 -16.90 18.37
N ILE B 137 7.72 -16.24 17.52
CA ILE B 137 6.26 -16.29 17.61
C ILE B 137 5.70 -17.68 17.28
N HIS B 138 6.42 -18.42 16.44
CA HIS B 138 5.97 -19.76 16.03
C HIS B 138 6.04 -20.77 17.17
N SER B 139 7.08 -20.66 17.99
CA SER B 139 7.21 -21.47 19.20
C SER B 139 6.08 -21.16 20.17
N VAL B 140 5.81 -19.87 20.36
CA VAL B 140 4.76 -19.39 21.25
C VAL B 140 3.37 -19.80 20.76
N ARG B 141 3.16 -19.75 19.45
CA ARG B 141 1.90 -20.16 18.84
C ARG B 141 1.63 -21.65 19.10
N ARG B 142 2.63 -22.49 18.89
CA ARG B 142 2.51 -23.94 19.11
C ARG B 142 2.04 -24.24 20.52
N VAL B 143 2.66 -23.58 21.50
CA VAL B 143 2.32 -23.78 22.91
C VAL B 143 0.84 -23.52 23.14
N MET B 144 0.35 -22.41 22.61
CA MET B 144 -1.05 -22.02 22.79
C MET B 144 -2.01 -22.96 22.06
N GLU B 145 -1.56 -23.55 20.96
CA GLU B 145 -2.38 -24.50 20.19
C GLU B 145 -2.52 -25.85 20.90
N VAL B 146 -1.42 -26.35 21.46
CA VAL B 146 -1.42 -27.63 22.16
C VAL B 146 -1.94 -27.50 23.61
N ASN B 147 -1.47 -26.48 24.33
CA ASN B 147 -1.83 -26.31 25.74
C ASN B 147 -3.22 -25.74 25.97
N PHE B 148 -3.67 -24.85 25.08
CA PHE B 148 -4.97 -24.17 25.24
C PHE B 148 -5.99 -24.49 24.14
N LEU B 149 -5.65 -24.13 22.91
CA LEU B 149 -6.63 -24.16 21.82
C LEU B 149 -7.26 -25.55 21.61
N SER B 150 -6.44 -26.59 21.71
CA SER B 150 -6.93 -27.98 21.57
C SER B 150 -7.86 -28.40 22.72
N TYR B 151 -7.70 -27.78 23.88
CA TYR B 151 -8.58 -28.04 25.03
C TYR B 151 -9.99 -27.53 24.74
N VAL B 152 -10.06 -26.40 24.04
CA VAL B 152 -11.32 -25.75 23.70
C VAL B 152 -12.05 -26.54 22.62
N VAL B 153 -11.31 -26.93 21.58
CA VAL B 153 -11.84 -27.76 20.49
C VAL B 153 -12.49 -29.03 21.04
N MET B 154 -11.71 -29.82 21.77
CA MET B 154 -12.16 -31.10 22.33
C MET B 154 -13.34 -30.94 23.28
N SER B 155 -13.27 -29.97 24.18
CA SER B 155 -14.36 -29.73 25.13
C SER B 155 -15.62 -29.40 24.35
N THR B 156 -15.49 -28.50 23.38
CA THR B 156 -16.61 -28.11 22.52
C THR B 156 -17.19 -29.33 21.79
N ALA B 157 -16.29 -30.14 21.24
CA ALA B 157 -16.67 -31.37 20.51
C ALA B 157 -17.33 -32.40 21.42
N ALA B 158 -16.81 -32.53 22.64
CA ALA B 158 -17.29 -33.51 23.60
C ALA B 158 -18.62 -33.13 24.27
N LEU B 159 -18.92 -31.83 24.27
CA LEU B 159 -19.99 -31.27 25.11
C LEU B 159 -21.37 -31.91 24.92
N PRO B 160 -21.77 -32.20 23.67
CA PRO B 160 -23.07 -32.84 23.47
C PRO B 160 -23.22 -34.18 24.20
N MET B 161 -22.14 -34.96 24.23
CA MET B 161 -22.13 -36.24 24.93
C MET B 161 -22.11 -36.05 26.45
N LEU B 162 -21.34 -35.07 26.90
CA LEU B 162 -21.29 -34.72 28.33
C LEU B 162 -22.64 -34.18 28.82
N LYS B 163 -23.34 -33.44 27.94
CA LYS B 163 -24.72 -33.02 28.20
C LYS B 163 -25.66 -34.23 28.32
N GLN B 164 -25.51 -35.19 27.42
CA GLN B 164 -26.33 -36.41 27.41
C GLN B 164 -26.13 -37.29 28.65
N SER B 165 -24.87 -37.42 29.08
CA SER B 165 -24.53 -38.26 30.23
C SER B 165 -24.37 -37.46 31.53
N ASN B 166 -24.64 -36.16 31.47
CA ASN B 166 -24.35 -35.27 32.61
C ASN B 166 -22.94 -35.48 33.11
N GLY B 167 -21.99 -35.44 32.18
CA GLY B 167 -20.60 -35.77 32.46
C GLY B 167 -19.78 -34.66 33.12
N SER B 168 -18.46 -34.81 33.07
CA SER B 168 -17.53 -33.87 33.69
C SER B 168 -16.34 -33.56 32.79
N ILE B 169 -15.69 -32.44 33.05
CA ILE B 169 -14.43 -32.10 32.37
C ILE B 169 -13.36 -31.76 33.40
N ALA B 170 -12.21 -32.42 33.28
CA ALA B 170 -11.05 -32.11 34.10
C ALA B 170 -10.05 -31.36 33.24
N VAL B 171 -9.87 -30.08 33.55
CA VAL B 171 -8.86 -29.27 32.86
C VAL B 171 -7.64 -29.14 33.77
N ILE B 172 -6.56 -29.82 33.40
CA ILE B 172 -5.36 -29.88 34.22
C ILE B 172 -4.52 -28.62 34.05
N SER B 173 -4.50 -27.79 35.09
CA SER B 173 -3.71 -26.57 35.12
C SER B 173 -2.52 -26.73 36.07
N SER B 174 -1.90 -25.61 36.44
CA SER B 174 -0.72 -25.58 37.29
C SER B 174 -0.83 -24.44 38.30
N LEU B 175 0.17 -24.32 39.15
CA LEU B 175 0.37 -23.10 39.96
C LEU B 175 0.78 -21.96 39.03
N ALA B 176 1.45 -22.32 37.93
CA ALA B 176 1.82 -21.37 36.88
C ALA B 176 0.61 -20.76 36.16
N GLY B 177 -0.56 -21.36 36.36
CA GLY B 177 -1.83 -20.83 35.84
C GLY B 177 -2.55 -19.88 36.78
N LYS B 178 -2.13 -19.87 38.05
CA LYS B 178 -2.69 -18.96 39.06
C LYS B 178 -1.66 -17.96 39.62
N VAL B 179 -0.38 -18.22 39.35
CA VAL B 179 0.71 -17.38 39.86
C VAL B 179 1.82 -17.37 38.82
N THR B 180 2.62 -16.32 38.77
CA THR B 180 3.72 -16.25 37.79
C THR B 180 5.08 -16.61 38.41
N TYR B 181 5.72 -17.60 37.81
CA TYR B 181 7.13 -17.92 38.08
C TYR B 181 7.93 -17.57 36.83
N PRO B 182 9.21 -17.17 37.00
CA PRO B 182 10.03 -16.90 35.82
C PRO B 182 10.47 -18.16 35.07
N MET B 183 11.04 -17.95 33.89
CA MET B 183 11.55 -19.03 33.01
C MET B 183 10.45 -19.90 32.39
N VAL B 184 9.20 -19.45 32.44
CA VAL B 184 8.05 -20.25 31.99
C VAL B 184 6.92 -19.36 31.44
N ALA B 185 7.29 -18.34 30.70
CA ALA B 185 6.31 -17.34 30.22
C ALA B 185 5.25 -17.93 29.29
N PRO B 186 5.66 -18.66 28.23
CA PRO B 186 4.68 -19.24 27.31
C PRO B 186 3.78 -20.28 27.97
N TYR B 187 4.35 -21.09 28.86
CA TYR B 187 3.62 -22.11 29.63
C TYR B 187 2.51 -21.50 30.48
N SER B 188 2.89 -20.51 31.29
CA SER B 188 1.94 -19.77 32.13
C SER B 188 0.81 -19.20 31.29
N ALA B 189 1.18 -18.49 30.22
CA ALA B 189 0.20 -17.87 29.33
C ALA B 189 -0.96 -18.81 29.05
N SER B 190 -0.63 -20.03 28.62
CA SER B 190 -1.65 -21.02 28.25
C SER B 190 -2.49 -21.48 29.44
N LYS B 191 -1.84 -21.72 30.57
CA LYS B 191 -2.55 -22.16 31.78
C LYS B 191 -3.45 -21.06 32.35
N PHE B 192 -2.99 -19.82 32.27
CA PHE B 192 -3.84 -18.67 32.60
C PHE B 192 -5.05 -18.66 31.67
N ALA B 193 -4.77 -18.85 30.38
CA ALA B 193 -5.82 -18.87 29.34
C ALA B 193 -6.90 -19.89 29.66
N LEU B 194 -6.49 -21.08 30.07
CA LEU B 194 -7.43 -22.15 30.45
C LEU B 194 -8.37 -21.69 31.55
N ASP B 195 -7.82 -21.05 32.57
CA ASP B 195 -8.61 -20.54 33.69
C ASP B 195 -9.63 -19.53 33.17
N GLY B 196 -9.12 -18.51 32.49
CA GLY B 196 -9.94 -17.45 31.92
C GLY B 196 -11.10 -18.00 31.10
N PHE B 197 -10.79 -18.94 30.21
CA PHE B 197 -11.78 -19.52 29.32
C PHE B 197 -12.75 -20.45 30.04
N PHE B 198 -12.23 -21.45 30.72
CA PHE B 198 -13.07 -22.53 31.27
C PHE B 198 -13.85 -22.12 32.50
N SER B 199 -13.33 -21.18 33.27
CA SER B 199 -14.09 -20.57 34.35
C SER B 199 -15.37 -19.97 33.77
N THR B 200 -15.22 -19.22 32.69
CA THR B 200 -16.35 -18.61 31.98
C THR B 200 -17.39 -19.66 31.59
N ILE B 201 -16.94 -20.72 30.91
CA ILE B 201 -17.84 -21.77 30.44
C ILE B 201 -18.61 -22.39 31.59
N ARG B 202 -17.95 -22.55 32.73
CA ARG B 202 -18.59 -23.10 33.94
C ARG B 202 -19.80 -22.24 34.33
N THR B 203 -19.59 -20.93 34.41
CA THR B 203 -20.65 -20.00 34.79
C THR B 203 -21.78 -20.03 33.77
N GLU B 204 -21.44 -20.04 32.49
CA GLU B 204 -22.44 -20.12 31.42
C GLU B 204 -23.30 -21.39 31.54
N LEU B 205 -22.62 -22.53 31.73
CA LEU B 205 -23.30 -23.80 31.95
C LEU B 205 -24.21 -23.76 33.18
N TYR B 206 -23.80 -23.00 34.19
CA TYR B 206 -24.57 -22.84 35.43
C TYR B 206 -25.84 -22.00 35.21
N ILE B 207 -25.67 -20.82 34.63
CA ILE B 207 -26.80 -19.90 34.41
C ILE B 207 -27.79 -20.41 33.35
N THR B 208 -27.33 -21.33 32.49
CA THR B 208 -28.21 -22.00 31.52
C THR B 208 -28.68 -23.39 31.98
N LYS B 209 -28.36 -23.74 33.23
CA LYS B 209 -28.81 -24.99 33.87
C LYS B 209 -28.41 -26.26 33.10
N VAL B 210 -27.18 -26.28 32.63
CA VAL B 210 -26.59 -27.47 32.00
C VAL B 210 -25.77 -28.20 33.07
N ASN B 211 -26.14 -29.45 33.35
CA ASN B 211 -25.49 -30.23 34.40
C ASN B 211 -24.22 -30.93 33.91
N VAL B 212 -23.24 -30.11 33.52
CA VAL B 212 -21.92 -30.57 33.11
C VAL B 212 -20.87 -29.82 33.93
N SER B 213 -20.11 -30.55 34.74
CA SER B 213 -19.14 -29.94 35.65
C SER B 213 -17.77 -29.70 35.01
N ILE B 214 -17.10 -28.63 35.44
CA ILE B 214 -15.77 -28.28 34.96
C ILE B 214 -14.84 -28.14 36.15
N THR B 215 -13.88 -29.06 36.29
CA THR B 215 -12.92 -29.02 37.40
C THR B 215 -11.55 -28.57 36.92
N LEU B 216 -11.10 -27.43 37.44
CA LEU B 216 -9.75 -26.94 37.15
C LEU B 216 -8.79 -27.42 38.24
N CYS B 217 -7.84 -28.26 37.84
CA CYS B 217 -6.89 -28.85 38.78
C CYS B 217 -5.56 -28.09 38.83
N VAL B 218 -5.41 -27.28 39.88
CA VAL B 218 -4.16 -26.55 40.13
C VAL B 218 -3.16 -27.46 40.83
N LEU B 219 -2.12 -27.84 40.10
CA LEU B 219 -1.08 -28.76 40.58
C LEU B 219 0.25 -28.06 40.85
N GLY B 220 0.88 -28.42 41.96
CA GLY B 220 2.25 -28.02 42.25
C GLY B 220 3.21 -29.03 41.64
N LEU B 221 4.50 -28.93 41.98
CA LEU B 221 5.54 -29.80 41.41
C LEU B 221 5.24 -31.28 41.61
N ILE B 222 5.23 -32.04 40.52
CA ILE B 222 4.95 -33.48 40.53
C ILE B 222 6.14 -34.28 40.01
N ASP B 223 6.43 -35.40 40.64
CA ASP B 223 7.64 -36.20 40.36
C ASP B 223 7.55 -37.05 39.08
N THR B 224 7.28 -36.40 37.95
CA THR B 224 7.29 -37.06 36.65
C THR B 224 8.69 -36.96 36.06
N GLU B 225 9.01 -37.82 35.10
CA GLU B 225 10.33 -37.85 34.46
C GLU B 225 10.65 -36.51 33.80
N THR B 226 9.68 -36.00 33.04
CA THR B 226 9.81 -34.72 32.35
C THR B 226 10.13 -33.58 33.31
N ALA B 227 9.26 -33.37 34.29
CA ALA B 227 9.39 -32.27 35.24
C ALA B 227 10.72 -32.30 35.97
N MET B 228 11.06 -33.47 36.51
CA MET B 228 12.25 -33.63 37.35
C MET B 228 13.56 -33.42 36.57
N LYS B 229 13.59 -33.89 35.33
CA LYS B 229 14.76 -33.70 34.46
C LYS B 229 14.92 -32.23 34.05
N GLU B 230 13.81 -31.54 33.83
CA GLU B 230 13.85 -30.16 33.33
C GLU B 230 14.13 -29.11 34.42
N ILE B 231 13.74 -29.40 35.65
CA ILE B 231 14.10 -28.51 36.78
C ILE B 231 15.51 -28.77 37.29
N SER B 232 16.16 -29.81 36.76
CA SER B 232 17.49 -30.23 37.19
C SER B 232 18.53 -29.11 37.05
N GLY B 233 19.11 -28.73 38.18
CA GLY B 233 20.13 -27.69 38.22
C GLY B 233 19.60 -26.27 38.25
N ILE B 234 18.28 -26.13 38.32
CA ILE B 234 17.62 -24.81 38.26
C ILE B 234 16.77 -24.54 39.49
N ILE B 235 15.79 -25.41 39.73
CA ILE B 235 14.84 -25.25 40.83
C ILE B 235 15.06 -26.30 41.91
N ASN B 236 15.40 -25.84 43.12
CA ASN B 236 15.54 -26.71 44.27
C ASN B 236 14.25 -26.72 45.09
N ALA B 237 13.34 -27.64 44.74
CA ALA B 237 12.05 -27.75 45.41
C ALA B 237 11.59 -29.21 45.51
N GLN B 238 10.81 -29.51 46.55
CA GLN B 238 10.32 -30.87 46.79
C GLN B 238 9.10 -31.17 45.93
N ALA B 239 9.13 -32.28 45.20
CA ALA B 239 8.01 -32.70 44.37
C ALA B 239 6.97 -33.47 45.17
N SER B 240 5.81 -33.71 44.54
CA SER B 240 4.75 -34.51 45.13
C SER B 240 4.54 -35.77 44.29
N PRO B 241 4.06 -36.87 44.91
CA PRO B 241 3.93 -38.13 44.18
C PRO B 241 2.87 -38.11 43.08
N LYS B 242 3.24 -38.64 41.92
CA LYS B 242 2.38 -38.61 40.72
C LYS B 242 1.17 -39.54 40.80
N GLU B 243 1.29 -40.59 41.61
CA GLU B 243 0.22 -41.59 41.76
C GLU B 243 -0.95 -41.05 42.59
N GLU B 244 -0.62 -40.36 43.68
CA GLU B 244 -1.62 -39.67 44.50
C GLU B 244 -2.24 -38.52 43.70
N CYS B 245 -1.39 -37.77 43.00
CA CYS B 245 -1.82 -36.64 42.16
C CYS B 245 -2.96 -37.06 41.24
N ALA B 246 -2.72 -38.13 40.50
CA ALA B 246 -3.72 -38.69 39.59
C ALA B 246 -5.05 -38.96 40.30
N LEU B 247 -4.97 -39.60 41.47
CA LEU B 247 -6.17 -39.94 42.25
C LEU B 247 -6.96 -38.69 42.66
N GLU B 248 -6.26 -37.71 43.24
CA GLU B 248 -6.91 -36.47 43.69
C GLU B 248 -7.58 -35.69 42.55
N ILE B 249 -7.06 -35.84 41.33
CA ILE B 249 -7.69 -35.28 40.13
C ILE B 249 -8.98 -36.01 39.83
N ILE B 250 -8.92 -37.34 39.92
CA ILE B 250 -10.09 -38.17 39.61
C ILE B 250 -11.17 -38.01 40.67
N LYS B 251 -10.77 -37.93 41.94
CA LYS B 251 -11.69 -37.70 43.05
C LYS B 251 -12.44 -36.37 42.89
N GLY B 252 -11.73 -35.32 42.49
CA GLY B 252 -12.33 -34.00 42.34
C GLY B 252 -13.34 -33.91 41.21
N THR B 253 -12.93 -34.40 40.04
CA THR B 253 -13.78 -34.38 38.85
C THR B 253 -15.04 -35.22 39.07
N ALA B 254 -14.88 -36.36 39.75
CA ALA B 254 -15.99 -37.21 40.12
C ALA B 254 -16.98 -36.46 41.00
N LEU B 255 -16.47 -35.80 42.04
CA LEU B 255 -17.29 -35.03 42.99
C LEU B 255 -17.76 -33.67 42.45
N ARG B 256 -17.34 -33.35 41.22
CA ARG B 256 -17.82 -32.16 40.50
C ARG B 256 -17.39 -30.85 41.16
N LYS B 257 -16.17 -30.83 41.69
CA LYS B 257 -15.60 -29.64 42.32
C LYS B 257 -15.25 -28.59 41.25
N SER B 258 -15.33 -27.31 41.64
CA SER B 258 -14.94 -26.21 40.75
C SER B 258 -13.43 -26.22 40.54
N GLU B 259 -12.69 -26.37 41.63
CA GLU B 259 -11.22 -26.43 41.57
C GLU B 259 -10.67 -27.45 42.55
N VAL B 260 -9.60 -28.12 42.13
CA VAL B 260 -8.87 -29.07 42.94
C VAL B 260 -7.44 -28.55 43.10
N TYR B 261 -7.05 -28.29 44.34
CA TYR B 261 -5.68 -27.87 44.65
C TYR B 261 -4.87 -29.05 45.17
N TYR B 262 -3.64 -29.22 44.66
CA TYR B 262 -2.75 -30.30 45.10
C TYR B 262 -1.27 -29.87 45.07
N ASP B 263 -0.71 -29.66 46.27
CA ASP B 263 0.68 -29.21 46.42
C ASP B 263 1.25 -29.67 47.77
N LYS B 264 2.58 -29.88 47.79
CA LYS B 264 3.30 -30.26 49.02
C LYS B 264 2.92 -29.40 50.21
N SER B 265 3.06 -28.09 50.04
CA SER B 265 2.78 -27.15 51.12
C SER B 265 1.28 -27.09 51.43
N PRO B 266 0.92 -27.06 52.72
CA PRO B 266 -0.48 -26.89 53.12
C PRO B 266 -0.93 -25.43 53.14
N LEU B 267 0.00 -24.50 52.95
CA LEU B 267 -0.31 -23.07 52.85
C LEU B 267 -0.69 -22.64 51.42
N THR B 268 -0.56 -23.57 50.47
CA THR B 268 -0.80 -23.27 49.06
C THR B 268 -2.28 -22.99 48.74
N PRO B 269 -3.20 -23.88 49.15
CA PRO B 269 -4.61 -23.65 48.81
C PRO B 269 -5.19 -22.42 49.51
N ILE B 270 -4.64 -22.07 50.67
CA ILE B 270 -5.01 -20.85 51.39
C ILE B 270 -4.60 -19.62 50.59
N LEU B 271 -3.32 -19.58 50.22
CA LEU B 271 -2.73 -18.44 49.51
C LEU B 271 -3.38 -18.24 48.13
N LEU B 272 -3.67 -19.33 47.43
CA LEU B 272 -4.30 -19.26 46.12
C LEU B 272 -5.83 -19.36 46.19
N GLY B 273 -6.39 -19.02 47.36
CA GLY B 273 -7.84 -19.06 47.56
C GLY B 273 -8.57 -17.98 46.77
N ASN B 274 -8.12 -16.74 46.94
CA ASN B 274 -8.66 -15.61 46.20
C ASN B 274 -10.18 -15.43 46.38
N PRO B 275 -10.61 -15.00 47.58
CA PRO B 275 -12.04 -14.83 47.87
C PRO B 275 -12.68 -13.64 47.14
N GLY B 276 -11.88 -12.60 46.87
CA GLY B 276 -12.35 -11.42 46.16
C GLY B 276 -12.91 -11.74 44.79
N ARG B 277 -12.25 -12.66 44.09
CA ARG B 277 -12.70 -13.10 42.77
C ARG B 277 -14.08 -13.77 42.85
N LYS B 278 -14.23 -14.71 43.78
CA LYS B 278 -15.50 -15.43 43.98
C LYS B 278 -16.64 -14.48 44.34
N ILE B 279 -16.34 -13.49 45.18
CA ILE B 279 -17.30 -12.43 45.53
C ILE B 279 -17.69 -11.63 44.29
N MET B 280 -16.67 -11.13 43.59
CA MET B 280 -16.84 -10.39 42.35
C MET B 280 -17.77 -11.11 41.38
N GLU B 281 -17.40 -12.36 41.06
CA GLU B 281 -18.11 -13.17 40.06
C GLU B 281 -19.58 -13.40 40.42
N PHE B 282 -19.86 -13.60 41.71
CA PHE B 282 -21.24 -13.79 42.17
C PHE B 282 -22.08 -12.53 41.98
N PHE B 283 -21.69 -11.45 42.65
CA PHE B 283 -22.44 -10.19 42.62
C PHE B 283 -22.61 -9.63 41.21
N SER B 284 -21.60 -9.83 40.36
CA SER B 284 -21.59 -9.25 39.02
C SER B 284 -22.60 -9.88 38.06
N LEU B 285 -23.15 -11.04 38.43
CA LEU B 285 -24.21 -11.68 37.63
C LEU B 285 -25.46 -10.81 37.51
N ARG B 286 -25.67 -9.93 38.47
CA ARG B 286 -26.85 -9.04 38.48
C ARG B 286 -26.75 -7.86 37.51
N TYR B 287 -25.60 -7.67 36.86
CA TYR B 287 -25.49 -6.74 35.73
C TYR B 287 -26.31 -7.21 34.53
N TYR B 288 -26.43 -8.53 34.41
CA TYR B 288 -26.99 -9.15 33.20
C TYR B 288 -28.52 -9.11 33.13
N ASN B 289 -29.01 -9.04 31.90
CA ASN B 289 -30.43 -9.16 31.60
C ASN B 289 -30.82 -10.63 31.64
N LYS B 290 -31.79 -10.95 32.48
CA LYS B 290 -32.16 -12.36 32.72
C LYS B 290 -32.80 -13.04 31.50
N ASP B 291 -33.37 -12.23 30.60
CA ASP B 291 -33.94 -12.73 29.34
C ASP B 291 -32.90 -13.25 28.35
N MET B 292 -31.63 -12.94 28.57
CA MET B 292 -30.54 -13.49 27.75
C MET B 292 -30.32 -14.98 27.98
N PHE B 293 -30.94 -15.54 29.02
CA PHE B 293 -30.76 -16.94 29.40
C PHE B 293 -32.10 -17.60 29.66
N GLU C 29 5.05 -4.03 -4.28
CA GLU C 29 4.63 -2.85 -3.48
C GLU C 29 3.26 -2.33 -3.94
N GLU C 30 2.35 -2.19 -3.00
CA GLU C 30 1.07 -1.54 -3.25
C GLU C 30 1.01 -0.26 -2.43
N PHE C 31 0.39 0.78 -3.01
CA PHE C 31 0.38 2.11 -2.41
C PHE C 31 -0.30 2.15 -1.04
N ARG C 32 0.30 2.89 -0.12
CA ARG C 32 -0.33 3.22 1.15
C ARG C 32 -0.19 4.73 1.36
N PRO C 33 -1.27 5.41 1.77
CA PRO C 33 -1.27 6.89 1.86
C PRO C 33 -0.32 7.43 2.92
N GLU C 34 0.06 6.57 3.86
CA GLU C 34 1.09 6.90 4.85
C GLU C 34 2.33 7.50 4.16
N MET C 35 2.68 6.93 3.01
CA MET C 35 3.82 7.38 2.22
C MET C 35 3.89 8.90 2.17
N LEU C 36 2.84 9.51 1.66
CA LEU C 36 2.83 10.94 1.37
C LEU C 36 2.66 11.87 2.57
N GLN C 37 2.59 11.31 3.78
CA GLN C 37 2.48 12.13 4.99
C GLN C 37 3.78 12.90 5.20
N GLY C 38 3.67 14.22 5.30
CA GLY C 38 4.83 15.08 5.52
C GLY C 38 5.59 15.46 4.26
N LYS C 39 5.21 14.88 3.12
CA LYS C 39 5.89 15.14 1.85
C LYS C 39 5.56 16.53 1.33
N LYS C 40 6.37 17.00 0.38
CA LYS C 40 6.30 18.36 -0.14
C LYS C 40 5.91 18.38 -1.62
N VAL C 41 4.64 18.65 -1.88
CA VAL C 41 4.09 18.53 -3.24
C VAL C 41 3.65 19.87 -3.82
N ILE C 42 4.04 20.11 -5.07
CA ILE C 42 3.52 21.23 -5.85
C ILE C 42 2.46 20.73 -6.83
N VAL C 43 1.31 21.39 -6.85
CA VAL C 43 0.21 21.04 -7.76
C VAL C 43 -0.15 22.24 -8.60
N THR C 44 0.03 22.14 -9.91
CA THR C 44 -0.37 23.23 -10.82
C THR C 44 -1.82 23.03 -11.24
N GLY C 45 -2.48 24.14 -11.58
CA GLY C 45 -3.89 24.12 -11.98
C GLY C 45 -4.77 23.52 -10.92
N ALA C 46 -4.59 23.98 -9.68
CA ALA C 46 -5.26 23.40 -8.50
C ALA C 46 -6.50 24.17 -8.06
N SER C 47 -6.84 25.24 -8.76
CA SER C 47 -8.00 26.07 -8.39
C SER C 47 -9.34 25.38 -8.72
N LYS C 48 -9.29 24.42 -9.63
CA LYS C 48 -10.46 23.64 -10.01
C LYS C 48 -10.05 22.33 -10.71
N GLY C 49 -11.04 21.51 -11.03
CA GLY C 49 -10.81 20.30 -11.81
C GLY C 49 -10.07 19.22 -11.06
N ILE C 50 -9.25 18.48 -11.78
CA ILE C 50 -8.48 17.37 -11.21
C ILE C 50 -7.48 17.89 -10.17
N GLY C 51 -6.84 19.01 -10.48
CA GLY C 51 -5.81 19.59 -9.62
C GLY C 51 -6.30 19.97 -8.23
N ARG C 52 -7.54 20.45 -8.16
CA ARG C 52 -8.19 20.75 -6.89
C ARG C 52 -8.44 19.48 -6.06
N GLU C 53 -8.85 18.41 -6.74
CA GLU C 53 -9.09 17.12 -6.09
C GLU C 53 -7.80 16.45 -5.63
N MET C 54 -6.72 16.70 -6.35
CA MET C 54 -5.39 16.20 -5.94
C MET C 54 -4.88 16.98 -4.73
N ALA C 55 -5.14 18.28 -4.72
CA ALA C 55 -4.80 19.12 -3.57
C ALA C 55 -5.56 18.69 -2.32
N TYR C 56 -6.81 18.25 -2.51
CA TYR C 56 -7.62 17.72 -1.40
C TYR C 56 -7.09 16.38 -0.89
N HIS C 57 -6.82 15.46 -1.81
CA HIS C 57 -6.30 14.14 -1.45
C HIS C 57 -4.98 14.23 -0.69
N LEU C 58 -4.03 14.98 -1.23
CA LEU C 58 -2.74 15.20 -0.55
C LEU C 58 -2.93 15.79 0.85
N SER C 59 -3.87 16.72 0.97
CA SER C 59 -4.20 17.32 2.26
C SER C 59 -4.71 16.27 3.24
N LYS C 60 -5.62 15.42 2.76
CA LYS C 60 -6.16 14.32 3.57
C LYS C 60 -5.07 13.34 4.02
N MET C 61 -4.04 13.19 3.20
CA MET C 61 -2.89 12.34 3.53
C MET C 61 -1.89 13.05 4.45
N GLY C 62 -2.11 14.35 4.69
CA GLY C 62 -1.27 15.12 5.61
C GLY C 62 0.03 15.56 4.96
N ALA C 63 -0.07 16.14 3.78
CA ALA C 63 1.09 16.60 3.03
C ALA C 63 1.29 18.10 3.17
N HIS C 64 2.46 18.55 2.75
CA HIS C 64 2.73 19.98 2.54
C HIS C 64 2.48 20.27 1.07
N VAL C 65 1.50 21.10 0.77
CA VAL C 65 1.21 21.47 -0.61
C VAL C 65 1.54 22.94 -0.88
N VAL C 66 1.87 23.21 -2.14
CA VAL C 66 1.85 24.58 -2.68
C VAL C 66 1.08 24.55 -4.00
N LEU C 67 -0.01 25.31 -4.06
CA LEU C 67 -0.93 25.28 -5.19
C LEU C 67 -0.75 26.50 -6.08
N THR C 68 -1.07 26.37 -7.36
CA THR C 68 -0.92 27.48 -8.29
C THR C 68 -1.92 27.47 -9.42
N ALA C 69 -2.38 28.67 -9.76
CA ALA C 69 -3.26 28.93 -10.89
C ALA C 69 -3.19 30.43 -11.16
N ARG C 70 -4.01 30.93 -12.07
CA ARG C 70 -4.11 32.39 -12.27
C ARG C 70 -5.05 33.02 -11.24
N SER C 71 -6.19 32.36 -11.02
CA SER C 71 -7.21 32.88 -10.10
C SER C 71 -6.76 32.83 -8.63
N GLU C 72 -6.52 34.01 -8.07
CA GLU C 72 -6.07 34.14 -6.68
C GLU C 72 -7.16 33.73 -5.69
N GLU C 73 -8.35 34.30 -5.86
CA GLU C 73 -9.52 33.98 -5.04
C GLU C 73 -9.77 32.48 -5.01
N GLY C 74 -9.65 31.84 -6.17
CA GLY C 74 -9.85 30.40 -6.29
C GLY C 74 -8.87 29.58 -5.46
N LEU C 75 -7.62 30.00 -5.46
CA LEU C 75 -6.57 29.34 -4.68
C LEU C 75 -6.80 29.52 -3.17
N GLN C 76 -7.27 30.70 -2.77
CA GLN C 76 -7.59 30.98 -1.37
C GLN C 76 -8.66 30.03 -0.84
N LYS C 77 -9.70 29.80 -1.64
CA LYS C 77 -10.77 28.88 -1.28
C LYS C 77 -10.26 27.45 -1.13
N VAL C 78 -9.36 27.04 -2.02
CA VAL C 78 -8.81 25.68 -2.00
C VAL C 78 -7.84 25.48 -0.83
N VAL C 79 -7.00 26.48 -0.59
CA VAL C 79 -6.04 26.43 0.51
C VAL C 79 -6.76 26.36 1.86
N SER C 80 -7.83 27.13 2.01
CA SER C 80 -8.64 27.09 3.23
C SER C 80 -9.23 25.70 3.48
N ARG C 81 -9.75 25.12 2.39
CA ARG C 81 -10.32 23.78 2.43
C ARG C 81 -9.24 22.72 2.67
N CYS C 82 -8.05 22.96 2.14
CA CYS C 82 -6.92 22.05 2.33
C CYS C 82 -6.48 21.99 3.79
N LEU C 83 -6.51 23.14 4.46
CA LEU C 83 -6.17 23.24 5.87
C LEU C 83 -7.21 22.54 6.75
N GLU C 84 -8.49 22.71 6.39
CA GLU C 84 -9.58 21.98 7.05
C GLU C 84 -9.39 20.48 6.91
N LEU C 85 -9.09 20.04 5.69
CA LEU C 85 -8.92 18.61 5.38
C LEU C 85 -7.69 17.97 6.03
N GLY C 86 -6.79 18.79 6.57
CA GLY C 86 -5.68 18.31 7.40
C GLY C 86 -4.29 18.39 6.78
N ALA C 87 -4.08 19.37 5.91
CA ALA C 87 -2.78 19.55 5.26
C ALA C 87 -1.72 19.94 6.28
N ALA C 88 -0.56 19.29 6.19
CA ALA C 88 0.61 19.64 7.01
C ALA C 88 0.87 21.15 6.90
N SER C 89 0.83 21.64 5.67
CA SER C 89 0.81 23.07 5.38
C SER C 89 0.10 23.27 4.05
N ALA C 90 -0.28 24.52 3.77
CA ALA C 90 -0.96 24.86 2.52
C ALA C 90 -0.72 26.32 2.13
N HIS C 91 -0.10 26.53 0.97
CA HIS C 91 0.15 27.87 0.45
C HIS C 91 -0.18 27.94 -1.02
N TYR C 92 -0.23 29.15 -1.58
CA TYR C 92 -0.43 29.32 -3.02
C TYR C 92 0.39 30.47 -3.61
N ILE C 93 0.62 30.39 -4.90
CA ILE C 93 1.27 31.46 -5.67
C ILE C 93 0.50 31.68 -6.96
N ALA C 94 -0.18 32.81 -7.06
CA ALA C 94 -1.03 33.11 -8.22
C ALA C 94 -0.22 33.65 -9.39
N GLY C 95 -0.55 33.19 -10.60
CA GLY C 95 0.09 33.68 -11.81
C GLY C 95 -0.17 32.85 -13.04
N THR C 96 0.16 33.41 -14.20
CA THR C 96 -0.02 32.75 -15.50
C THR C 96 1.22 31.94 -15.87
N MET C 97 0.99 30.77 -16.47
CA MET C 97 2.07 29.89 -16.93
C MET C 97 2.33 30.10 -18.42
N GLU C 98 1.65 31.08 -19.01
CA GLU C 98 2.01 31.61 -20.32
C GLU C 98 3.39 32.26 -20.24
N ASP C 99 3.64 32.87 -19.08
CA ASP C 99 4.92 33.48 -18.75
C ASP C 99 5.89 32.44 -18.18
N MET C 100 7.06 32.31 -18.82
CA MET C 100 8.09 31.36 -18.37
C MET C 100 8.85 31.88 -17.14
N THR C 101 8.96 33.20 -17.01
CA THR C 101 9.61 33.82 -15.85
C THR C 101 8.87 33.47 -14.58
N PHE C 102 7.55 33.53 -14.62
CA PHE C 102 6.71 33.14 -13.49
C PHE C 102 6.93 31.68 -13.16
N ALA C 103 6.81 30.83 -14.19
CA ALA C 103 6.93 29.39 -14.03
C ALA C 103 8.19 29.01 -13.26
N GLU C 104 9.31 29.62 -13.65
CA GLU C 104 10.59 29.34 -12.98
C GLU C 104 10.61 29.87 -11.55
N GLN C 105 10.29 31.15 -11.39
CA GLN C 105 10.28 31.80 -10.06
C GLN C 105 9.30 31.13 -9.08
N PHE C 106 8.20 30.62 -9.62
CA PHE C 106 7.21 29.88 -8.85
C PHE C 106 7.86 28.69 -8.13
N ILE C 107 8.69 27.94 -8.85
CA ILE C 107 9.35 26.76 -8.29
C ILE C 107 10.32 27.13 -7.17
N VAL C 108 11.15 28.14 -7.39
CA VAL C 108 12.09 28.60 -6.36
C VAL C 108 11.37 29.16 -5.12
N LYS C 109 10.30 29.91 -5.34
CA LYS C 109 9.49 30.44 -4.23
C LYS C 109 8.79 29.32 -3.45
N ALA C 110 8.14 28.42 -4.18
CA ALA C 110 7.42 27.28 -3.59
C ALA C 110 8.38 26.37 -2.82
N GLY C 111 9.52 26.10 -3.43
CA GLY C 111 10.57 25.28 -2.82
C GLY C 111 11.06 25.87 -1.51
N LYS C 112 11.21 27.18 -1.48
CA LYS C 112 11.58 27.90 -0.26
C LYS C 112 10.48 27.84 0.80
N LEU C 113 9.23 28.03 0.38
CA LEU C 113 8.08 28.00 1.31
C LEU C 113 7.97 26.68 2.06
N MET C 114 8.22 25.59 1.35
CA MET C 114 8.18 24.24 1.94
C MET C 114 9.54 23.79 2.46
N GLY C 115 10.61 24.40 1.95
CA GLY C 115 11.98 24.03 2.32
C GLY C 115 12.39 22.70 1.71
N GLY C 116 12.07 22.52 0.43
CA GLY C 116 12.32 21.27 -0.29
C GLY C 116 11.18 20.91 -1.23
N LEU C 117 11.38 19.86 -2.02
CA LEU C 117 10.34 19.38 -2.95
C LEU C 117 10.46 17.88 -3.21
N ASP C 118 9.38 17.15 -2.92
CA ASP C 118 9.34 15.69 -3.07
C ASP C 118 8.53 15.22 -4.28
N MET C 119 7.56 16.02 -4.70
CA MET C 119 6.70 15.64 -5.83
C MET C 119 6.21 16.86 -6.59
N LEU C 120 6.27 16.77 -7.92
CA LEU C 120 5.85 17.85 -8.79
C LEU C 120 4.74 17.34 -9.73
N ILE C 121 3.53 17.85 -9.54
CA ILE C 121 2.38 17.50 -10.38
C ILE C 121 2.13 18.59 -11.43
N LEU C 122 2.54 18.31 -12.67
CA LEU C 122 2.30 19.23 -13.79
C LEU C 122 0.94 18.92 -14.44
N ASN C 123 -0.02 19.80 -14.20
CA ASN C 123 -1.43 19.51 -14.45
C ASN C 123 -2.18 20.56 -15.30
N HIS C 124 -1.79 21.83 -15.14
CA HIS C 124 -2.47 22.96 -15.78
C HIS C 124 -2.48 22.89 -17.32
N ILE C 125 -3.59 23.33 -17.91
CA ILE C 125 -3.72 23.51 -19.36
C ILE C 125 -4.59 24.71 -19.69
N THR C 126 -4.34 25.28 -20.87
CA THR C 126 -5.21 26.35 -21.42
C THR C 126 -6.60 25.82 -21.74
N GLN C 127 -7.59 26.69 -21.70
CA GLN C 127 -8.98 26.27 -21.98
C GLN C 127 -9.05 25.77 -23.42
N THR C 128 -9.69 24.62 -23.61
CA THR C 128 -9.79 24.02 -24.94
C THR C 128 -11.24 23.93 -25.38
N SER C 129 -11.48 24.35 -26.61
CA SER C 129 -12.78 24.27 -27.23
C SER C 129 -12.70 23.30 -28.39
N LEU C 130 -13.71 22.44 -28.53
CA LEU C 130 -13.78 21.51 -29.65
C LEU C 130 -14.15 22.29 -30.91
N SER C 131 -13.26 22.28 -31.89
CA SER C 131 -13.47 23.01 -33.13
C SER C 131 -12.53 22.49 -34.21
N LEU C 132 -13.02 22.36 -35.44
CA LEU C 132 -12.17 22.01 -36.58
C LEU C 132 -11.12 23.10 -36.71
N PHE C 133 -9.86 22.70 -36.85
CA PHE C 133 -8.74 23.66 -36.75
C PHE C 133 -8.90 24.85 -37.67
N HIS C 134 -8.80 26.04 -37.08
CA HIS C 134 -8.90 27.30 -37.81
C HIS C 134 -8.18 28.44 -37.09
N ASP C 135 -7.28 28.08 -36.16
CA ASP C 135 -6.62 29.07 -35.31
C ASP C 135 -5.42 29.67 -36.02
N ASP C 136 -5.12 30.91 -35.69
CA ASP C 136 -3.89 31.55 -36.18
C ASP C 136 -2.69 31.03 -35.37
N ILE C 137 -1.49 31.43 -35.76
CA ILE C 137 -0.28 30.90 -35.15
C ILE C 137 -0.12 31.35 -33.70
N HIS C 138 -0.67 32.52 -33.35
CA HIS C 138 -0.54 33.06 -32.00
C HIS C 138 -1.34 32.24 -30.99
N SER C 139 -2.52 31.81 -31.39
CA SER C 139 -3.34 30.91 -30.57
C SER C 139 -2.64 29.57 -30.37
N VAL C 140 -2.06 29.05 -31.45
CA VAL C 140 -1.32 27.78 -31.40
C VAL C 140 -0.05 27.90 -30.54
N ARG C 141 0.64 29.02 -30.64
CA ARG C 141 1.84 29.24 -29.83
C ARG C 141 1.51 29.25 -28.33
N ARG C 142 0.44 29.95 -27.97
CA ARG C 142 0.01 30.04 -26.56
C ARG C 142 -0.21 28.66 -25.97
N VAL C 143 -0.90 27.80 -26.72
CA VAL C 143 -1.20 26.44 -26.27
C VAL C 143 0.09 25.69 -25.94
N MET C 144 1.06 25.78 -26.84
CA MET C 144 2.34 25.10 -26.67
C MET C 144 3.15 25.67 -25.50
N GLU C 145 2.97 26.96 -25.23
CA GLU C 145 3.66 27.61 -24.12
C GLU C 145 3.10 27.21 -22.74
N VAL C 146 1.77 27.15 -22.64
CA VAL C 146 1.12 26.77 -21.39
C VAL C 146 1.08 25.25 -21.19
N ASN C 147 0.71 24.51 -22.24
CA ASN C 147 0.55 23.05 -22.14
C ASN C 147 1.88 22.28 -22.11
N PHE C 148 2.88 22.76 -22.85
CA PHE C 148 4.16 22.05 -22.98
C PHE C 148 5.37 22.81 -22.41
N LEU C 149 5.65 23.98 -22.98
CA LEU C 149 6.91 24.67 -22.68
C LEU C 149 7.08 24.99 -21.19
N SER C 150 5.99 25.36 -20.53
CA SER C 150 6.01 25.64 -19.09
C SER C 150 6.27 24.39 -18.24
N TYR C 151 5.89 23.22 -18.76
CA TYR C 151 6.15 21.95 -18.09
C TYR C 151 7.65 21.65 -18.07
N VAL C 152 8.34 22.03 -19.15
CA VAL C 152 9.78 21.77 -19.27
C VAL C 152 10.57 22.75 -18.38
N VAL C 153 10.17 24.02 -18.39
CA VAL C 153 10.79 25.04 -17.53
C VAL C 153 10.75 24.62 -16.06
N MET C 154 9.55 24.35 -15.57
CA MET C 154 9.33 23.98 -14.17
C MET C 154 10.06 22.70 -13.78
N SER C 155 9.96 21.68 -14.63
CA SER C 155 10.64 20.41 -14.36
C SER C 155 12.14 20.64 -14.28
N THR C 156 12.66 21.38 -15.25
CA THR C 156 14.07 21.76 -15.25
C THR C 156 14.45 22.50 -13.97
N ALA C 157 13.63 23.48 -13.59
CA ALA C 157 13.86 24.29 -12.40
C ALA C 157 13.74 23.47 -11.11
N ALA C 158 12.81 22.53 -11.10
CA ALA C 158 12.55 21.69 -9.92
C ALA C 158 13.59 20.59 -9.72
N LEU C 159 14.26 20.21 -10.80
CA LEU C 159 15.05 18.97 -10.84
C LEU C 159 16.13 18.84 -9.76
N PRO C 160 16.85 19.94 -9.45
CA PRO C 160 17.85 19.86 -8.39
C PRO C 160 17.28 19.44 -7.02
N MET C 161 16.09 19.93 -6.71
CA MET C 161 15.40 19.55 -5.46
C MET C 161 14.87 18.12 -5.50
N LEU C 162 14.35 17.72 -6.66
CA LEU C 162 13.90 16.34 -6.88
C LEU C 162 15.07 15.36 -6.83
N LYS C 163 16.23 15.79 -7.32
CA LYS C 163 17.46 15.01 -7.17
C LYS C 163 17.85 14.86 -5.70
N GLN C 164 17.75 15.95 -4.94
CA GLN C 164 18.11 15.96 -3.51
C GLN C 164 17.17 15.09 -2.66
N SER C 165 15.88 15.12 -2.97
CA SER C 165 14.89 14.34 -2.23
C SER C 165 14.52 13.02 -2.90
N ASN C 166 15.18 12.68 -4.00
CA ASN C 166 14.79 11.53 -4.83
C ASN C 166 13.30 11.57 -5.14
N GLY C 167 12.84 12.72 -5.61
CA GLY C 167 11.42 12.98 -5.80
C GLY C 167 10.83 12.39 -7.06
N SER C 168 9.65 12.90 -7.43
CA SER C 168 8.90 12.40 -8.58
C SER C 168 8.31 13.55 -9.39
N ILE C 169 7.99 13.26 -10.65
CA ILE C 169 7.24 14.21 -11.48
C ILE C 169 6.02 13.53 -12.10
N ALA C 170 4.86 14.14 -11.94
CA ALA C 170 3.65 13.68 -12.58
C ALA C 170 3.31 14.62 -13.72
N VAL C 171 3.45 14.13 -14.95
CA VAL C 171 3.08 14.90 -16.13
C VAL C 171 1.73 14.43 -16.63
N ILE C 172 0.71 15.25 -16.44
CA ILE C 172 -0.66 14.87 -16.76
C ILE C 172 -0.94 15.02 -18.26
N SER C 173 -1.05 13.89 -18.94
CA SER C 173 -1.40 13.86 -20.36
C SER C 173 -2.84 13.38 -20.57
N SER C 174 -3.16 12.99 -21.81
CA SER C 174 -4.50 12.57 -22.18
C SER C 174 -4.41 11.35 -23.10
N LEU C 175 -5.57 10.86 -23.52
CA LEU C 175 -5.64 9.92 -24.64
C LEU C 175 -5.30 10.65 -25.94
N ALA C 176 -5.58 11.95 -25.95
CA ALA C 176 -5.22 12.83 -27.08
C ALA C 176 -3.70 13.02 -27.22
N GLY C 177 -2.95 12.57 -26.22
CA GLY C 177 -1.48 12.53 -26.28
C GLY C 177 -0.91 11.22 -26.81
N LYS C 178 -1.75 10.19 -26.86
CA LYS C 178 -1.35 8.86 -27.39
C LYS C 178 -2.12 8.45 -28.65
N VAL C 179 -3.21 9.17 -28.93
CA VAL C 179 -4.10 8.86 -30.05
C VAL C 179 -4.69 10.18 -30.56
N THR C 180 -5.03 10.22 -31.85
CA THR C 180 -5.61 11.43 -32.46
C THR C 180 -7.13 11.39 -32.52
N TYR C 181 -7.77 12.39 -31.90
CA TYR C 181 -9.20 12.66 -32.09
C TYR C 181 -9.32 13.99 -32.85
N PRO C 182 -10.38 14.15 -33.67
CA PRO C 182 -10.58 15.43 -34.35
C PRO C 182 -11.07 16.55 -33.42
N MET C 183 -11.05 17.77 -33.95
CA MET C 183 -11.51 18.98 -33.24
C MET C 183 -10.60 19.40 -32.06
N VAL C 184 -9.38 18.86 -32.03
CA VAL C 184 -8.48 19.01 -30.89
C VAL C 184 -7.00 19.02 -31.31
N ALA C 185 -6.71 19.61 -32.47
CA ALA C 185 -5.37 19.54 -33.07
C ALA C 185 -4.28 20.17 -32.20
N PRO C 186 -4.49 21.43 -31.78
CA PRO C 186 -3.48 22.11 -30.95
C PRO C 186 -3.25 21.42 -29.61
N TYR C 187 -4.34 20.96 -29.00
CA TYR C 187 -4.30 20.27 -27.69
C TYR C 187 -3.47 18.99 -27.78
N SER C 188 -3.79 18.14 -28.75
CA SER C 188 -3.03 16.91 -29.00
C SER C 188 -1.55 17.22 -29.18
N ALA C 189 -1.26 18.15 -30.08
CA ALA C 189 0.12 18.52 -30.38
C ALA C 189 0.94 18.64 -29.10
N SER C 190 0.43 19.38 -28.13
CA SER C 190 1.14 19.63 -26.87
C SER C 190 1.28 18.37 -26.01
N LYS C 191 0.21 17.57 -25.91
CA LYS C 191 0.24 16.33 -25.14
C LYS C 191 1.17 15.28 -25.76
N PHE C 192 1.19 15.23 -27.09
CA PHE C 192 2.17 14.41 -27.80
C PHE C 192 3.58 14.89 -27.47
N ALA C 193 3.77 16.21 -27.51
CA ALA C 193 5.06 16.83 -27.21
C ALA C 193 5.58 16.44 -25.83
N LEU C 194 4.67 16.45 -24.85
CA LEU C 194 5.00 16.02 -23.47
C LEU C 194 5.57 14.61 -23.44
N ASP C 195 4.88 13.71 -24.14
CA ASP C 195 5.31 12.31 -24.23
C ASP C 195 6.70 12.25 -24.83
N GLY C 196 6.85 12.82 -26.01
CA GLY C 196 8.13 12.84 -26.72
C GLY C 196 9.28 13.34 -25.85
N PHE C 197 9.05 14.48 -25.20
CA PHE C 197 10.08 15.11 -24.37
C PHE C 197 10.36 14.34 -23.08
N PHE C 198 9.30 14.10 -22.30
CA PHE C 198 9.49 13.58 -20.93
C PHE C 198 9.82 12.10 -20.89
N SER C 199 9.39 11.35 -21.89
CA SER C 199 9.85 9.97 -22.06
C SER C 199 11.37 9.96 -22.20
N THR C 200 11.88 10.84 -23.06
CA THR C 200 13.31 10.99 -23.26
C THR C 200 14.05 11.28 -21.95
N ILE C 201 13.57 12.27 -21.21
CA ILE C 201 14.16 12.66 -19.93
C ILE C 201 14.23 11.47 -18.97
N ARG C 202 13.17 10.66 -18.96
CA ARG C 202 13.12 9.47 -18.11
C ARG C 202 14.31 8.55 -18.41
N THR C 203 14.51 8.24 -19.69
CA THR C 203 15.59 7.37 -20.12
C THR C 203 16.96 7.95 -19.78
N GLU C 204 17.13 9.25 -20.00
CA GLU C 204 18.39 9.93 -19.63
C GLU C 204 18.66 9.84 -18.13
N LEU C 205 17.64 10.12 -17.33
CA LEU C 205 17.72 9.97 -15.87
C LEU C 205 18.10 8.55 -15.45
N TYR C 206 17.61 7.58 -16.21
CA TYR C 206 17.88 6.15 -15.96
C TYR C 206 19.32 5.76 -16.28
N ILE C 207 19.76 6.12 -17.49
CA ILE C 207 21.11 5.83 -17.97
C ILE C 207 22.20 6.53 -17.15
N THR C 208 21.86 7.67 -16.57
CA THR C 208 22.78 8.43 -15.72
C THR C 208 22.56 8.16 -14.23
N LYS C 209 21.69 7.19 -13.93
CA LYS C 209 21.45 6.73 -12.55
C LYS C 209 21.00 7.84 -11.59
N VAL C 210 20.09 8.68 -12.06
CA VAL C 210 19.43 9.69 -11.24
C VAL C 210 18.07 9.15 -10.78
N ASN C 211 17.90 9.04 -9.46
CA ASN C 211 16.70 8.43 -8.88
C ASN C 211 15.56 9.43 -8.78
N VAL C 212 15.12 9.92 -9.94
CA VAL C 212 13.97 10.81 -10.04
C VAL C 212 12.99 10.24 -11.06
N SER C 213 11.80 9.89 -10.60
CA SER C 213 10.80 9.22 -11.43
C SER C 213 9.93 10.19 -12.22
N ILE C 214 9.52 9.79 -13.41
CA ILE C 214 8.64 10.58 -14.28
C ILE C 214 7.43 9.73 -14.63
N THR C 215 6.25 10.10 -14.15
CA THR C 215 5.02 9.37 -14.45
C THR C 215 4.15 10.16 -15.43
N LEU C 216 3.91 9.57 -16.60
CA LEU C 216 3.01 10.15 -17.59
C LEU C 216 1.61 9.55 -17.43
N CYS C 217 0.67 10.40 -17.02
CA CYS C 217 -0.71 9.95 -16.75
C CYS C 217 -1.64 10.15 -17.94
N VAL C 218 -1.91 9.07 -18.65
CA VAL C 218 -2.86 9.08 -19.77
C VAL C 218 -4.29 8.94 -19.23
N LEU C 219 -5.05 10.03 -19.34
CA LEU C 219 -6.42 10.11 -18.82
C LEU C 219 -7.44 10.15 -19.94
N GLY C 220 -8.52 9.39 -19.77
CA GLY C 220 -9.71 9.49 -20.62
C GLY C 220 -10.64 10.57 -20.10
N LEU C 221 -11.84 10.64 -20.64
CA LEU C 221 -12.81 11.70 -20.28
C LEU C 221 -13.11 11.72 -18.78
N ILE C 222 -12.93 12.89 -18.17
CA ILE C 222 -13.15 13.09 -16.73
C ILE C 222 -14.25 14.14 -16.49
N ASP C 223 -15.09 13.89 -15.50
CA ASP C 223 -16.28 14.72 -15.24
C ASP C 223 -15.98 16.05 -14.54
N THR C 224 -15.13 16.87 -15.13
CA THR C 224 -14.88 18.22 -14.63
C THR C 224 -15.84 19.19 -15.33
N GLU C 225 -16.05 20.35 -14.74
CA GLU C 225 -16.98 21.34 -15.28
C GLU C 225 -16.58 21.77 -16.69
N THR C 226 -15.29 22.06 -16.86
CA THR C 226 -14.74 22.48 -18.15
C THR C 226 -14.99 21.43 -19.23
N ALA C 227 -14.53 20.21 -18.99
CA ALA C 227 -14.65 19.14 -19.98
C ALA C 227 -16.10 18.90 -20.38
N MET C 228 -16.96 18.77 -19.37
CA MET C 228 -18.37 18.41 -19.59
C MET C 228 -19.16 19.48 -20.35
N LYS C 229 -18.87 20.74 -20.06
CA LYS C 229 -19.55 21.84 -20.77
C LYS C 229 -19.05 21.95 -22.22
N GLU C 230 -17.77 21.67 -22.43
CA GLU C 230 -17.16 21.83 -23.76
C GLU C 230 -17.48 20.69 -24.74
N ILE C 231 -17.69 19.49 -24.22
CA ILE C 231 -18.14 18.37 -25.06
C ILE C 231 -19.66 18.41 -25.30
N SER C 232 -20.35 19.33 -24.63
CA SER C 232 -21.81 19.43 -24.71
C SER C 232 -22.28 19.66 -26.14
N GLY C 233 -23.10 18.72 -26.63
CA GLY C 233 -23.68 18.81 -27.97
C GLY C 233 -22.77 18.30 -29.08
N ILE C 234 -21.61 17.76 -28.70
CA ILE C 234 -20.61 17.32 -29.68
C ILE C 234 -20.26 15.85 -29.50
N ILE C 235 -19.75 15.51 -28.32
CA ILE C 235 -19.28 14.14 -28.02
C ILE C 235 -20.20 13.45 -27.03
N ASN C 236 -20.80 12.35 -27.45
CA ASN C 236 -21.63 11.53 -26.59
C ASN C 236 -20.81 10.37 -26.03
N ALA C 237 -20.18 10.59 -24.87
CA ALA C 237 -19.34 9.59 -24.23
C ALA C 237 -19.46 9.68 -22.71
N GLN C 238 -19.26 8.55 -22.04
CA GLN C 238 -19.35 8.49 -20.58
C GLN C 238 -18.05 8.92 -19.91
N ALA C 239 -18.16 9.85 -18.97
CA ALA C 239 -17.01 10.37 -18.24
C ALA C 239 -16.64 9.48 -17.06
N SER C 240 -15.47 9.73 -16.48
CA SER C 240 -15.01 9.02 -15.28
C SER C 240 -14.90 10.00 -14.13
N PRO C 241 -15.06 9.52 -12.88
CA PRO C 241 -15.10 10.43 -11.73
C PRO C 241 -13.76 11.12 -11.44
N LYS C 242 -13.81 12.42 -11.20
CA LYS C 242 -12.61 13.25 -11.02
C LYS C 242 -11.88 12.99 -9.70
N GLU C 243 -12.61 12.53 -8.69
CA GLU C 243 -12.03 12.27 -7.36
C GLU C 243 -11.17 10.99 -7.35
N GLU C 244 -11.66 9.94 -8.02
CA GLU C 244 -10.88 8.72 -8.21
C GLU C 244 -9.66 8.99 -9.11
N CYS C 245 -9.89 9.75 -10.18
CA CYS C 245 -8.84 10.13 -11.14
C CYS C 245 -7.64 10.72 -10.41
N ALA C 246 -7.92 11.72 -9.58
CA ALA C 246 -6.89 12.37 -8.76
C ALA C 246 -6.08 11.35 -7.95
N LEU C 247 -6.79 10.43 -7.28
CA LEU C 247 -6.14 9.41 -6.45
C LEU C 247 -5.21 8.52 -7.27
N GLU C 248 -5.73 7.98 -8.38
CA GLU C 248 -4.95 7.09 -9.25
C GLU C 248 -3.68 7.77 -9.83
N ILE C 249 -3.74 9.08 -9.99
CA ILE C 249 -2.57 9.87 -10.40
C ILE C 249 -1.56 9.92 -9.25
N ILE C 250 -2.05 10.13 -8.03
CA ILE C 250 -1.19 10.20 -6.85
C ILE C 250 -0.57 8.85 -6.53
N LYS C 251 -1.39 7.80 -6.62
CA LYS C 251 -0.92 6.43 -6.40
C LYS C 251 0.24 6.07 -7.34
N GLY C 252 0.08 6.42 -8.62
CA GLY C 252 1.07 6.08 -9.63
C GLY C 252 2.41 6.79 -9.46
N THR C 253 2.34 8.10 -9.25
CA THR C 253 3.54 8.92 -9.05
C THR C 253 4.29 8.49 -7.78
N ALA C 254 3.53 8.19 -6.73
CA ALA C 254 4.11 7.68 -5.49
C ALA C 254 4.88 6.40 -5.73
N LEU C 255 4.25 5.45 -6.43
CA LEU C 255 4.85 4.15 -6.73
C LEU C 255 5.87 4.20 -7.86
N ARG C 256 6.09 5.39 -8.43
CA ARG C 256 7.15 5.64 -9.43
C ARG C 256 6.94 4.89 -10.74
N LYS C 257 5.69 4.79 -11.17
CA LYS C 257 5.33 4.13 -12.43
C LYS C 257 5.75 4.99 -13.63
N SER C 258 6.06 4.32 -14.73
CA SER C 258 6.40 5.02 -15.99
C SER C 258 5.17 5.70 -16.56
N GLU C 259 4.07 4.96 -16.59
CA GLU C 259 2.79 5.49 -17.09
C GLU C 259 1.63 4.99 -16.26
N VAL C 260 0.64 5.86 -16.07
CA VAL C 260 -0.61 5.53 -15.41
C VAL C 260 -1.73 5.72 -16.43
N TYR C 261 -2.47 4.64 -16.70
CA TYR C 261 -3.64 4.71 -17.57
C TYR C 261 -4.92 4.74 -16.74
N TYR C 262 -5.84 5.63 -17.09
CA TYR C 262 -7.13 5.74 -16.38
C TYR C 262 -8.28 6.14 -17.32
N ASP C 263 -9.14 5.18 -17.61
CA ASP C 263 -10.27 5.37 -18.54
C ASP C 263 -11.43 4.43 -18.19
N LYS C 264 -12.65 4.86 -18.51
CA LYS C 264 -13.85 4.05 -18.28
C LYS C 264 -13.74 2.64 -18.86
N SER C 265 -13.36 2.57 -20.13
CA SER C 265 -13.21 1.27 -20.80
C SER C 265 -11.99 0.50 -20.28
N PRO C 266 -12.15 -0.82 -20.05
CA PRO C 266 -11.03 -1.67 -19.64
C PRO C 266 -10.17 -2.15 -20.82
N LEU C 267 -10.63 -1.89 -22.05
CA LEU C 267 -9.86 -2.21 -23.26
C LEU C 267 -8.89 -1.09 -23.65
N THR C 268 -8.94 0.03 -22.91
CA THR C 268 -8.09 1.18 -23.22
C THR C 268 -6.59 0.94 -22.97
N PRO C 269 -6.23 0.45 -21.76
CA PRO C 269 -4.80 0.28 -21.47
C PRO C 269 -4.15 -0.81 -22.32
N ILE C 270 -4.94 -1.80 -22.73
CA ILE C 270 -4.42 -2.84 -23.63
C ILE C 270 -4.18 -2.28 -25.04
N LEU C 271 -5.15 -1.53 -25.55
CA LEU C 271 -5.04 -0.90 -26.88
C LEU C 271 -3.91 0.11 -26.97
N LEU C 272 -3.74 0.91 -25.93
CA LEU C 272 -2.66 1.92 -25.88
C LEU C 272 -1.39 1.38 -25.22
N GLY C 273 -1.23 0.06 -25.21
CA GLY C 273 -0.06 -0.57 -24.61
C GLY C 273 1.23 -0.34 -25.41
N ASN C 274 1.16 -0.61 -26.71
CA ASN C 274 2.26 -0.37 -27.63
C ASN C 274 3.58 -1.04 -27.20
N PRO C 275 3.66 -2.37 -27.34
CA PRO C 275 4.84 -3.12 -26.93
C PRO C 275 6.05 -2.90 -27.84
N GLY C 276 5.78 -2.64 -29.12
CA GLY C 276 6.84 -2.39 -30.10
C GLY C 276 7.73 -1.23 -29.73
N ARG C 277 7.12 -0.17 -29.18
CA ARG C 277 7.85 1.00 -28.71
C ARG C 277 8.83 0.63 -27.59
N LYS C 278 8.31 -0.06 -26.58
CA LYS C 278 9.11 -0.48 -25.42
C LYS C 278 10.27 -1.38 -25.84
N ILE C 279 10.01 -2.29 -26.78
CA ILE C 279 11.05 -3.15 -27.36
C ILE C 279 12.10 -2.31 -28.09
N MET C 280 11.64 -1.44 -28.99
CA MET C 280 12.50 -0.52 -29.73
C MET C 280 13.42 0.26 -28.79
N GLU C 281 12.83 0.93 -27.80
CA GLU C 281 13.57 1.80 -26.88
C GLU C 281 14.65 1.05 -26.11
N PHE C 282 14.35 -0.17 -25.68
CA PHE C 282 15.32 -0.98 -24.93
C PHE C 282 16.52 -1.36 -25.79
N PHE C 283 16.27 -2.08 -26.88
CA PHE C 283 17.34 -2.58 -27.75
C PHE C 283 18.17 -1.47 -28.37
N SER C 284 17.55 -0.33 -28.62
CA SER C 284 18.20 0.80 -29.28
C SER C 284 19.26 1.49 -28.41
N LEU C 285 19.24 1.26 -27.10
CA LEU C 285 20.26 1.79 -26.19
C LEU C 285 21.67 1.33 -26.54
N ARG C 286 21.77 0.17 -27.20
CA ARG C 286 23.06 -0.41 -27.59
C ARG C 286 23.73 0.28 -28.79
N TYR C 287 23.04 1.19 -29.45
CA TYR C 287 23.67 2.07 -30.45
C TYR C 287 24.67 3.02 -29.82
N TYR C 288 24.42 3.38 -28.57
CA TYR C 288 25.15 4.44 -27.88
C TYR C 288 26.51 4.03 -27.34
N ASN C 289 27.43 4.99 -27.34
CA ASN C 289 28.73 4.83 -26.73
C ASN C 289 28.59 5.04 -25.22
N LYS C 290 29.06 4.07 -24.42
CA LYS C 290 28.89 4.13 -22.97
C LYS C 290 29.60 5.32 -22.30
N ASP C 291 30.70 5.78 -22.90
CA ASP C 291 31.49 6.89 -22.36
C ASP C 291 30.82 8.27 -22.46
N MET C 292 29.63 8.33 -23.05
CA MET C 292 28.86 9.58 -23.11
C MET C 292 28.11 9.87 -21.80
N PHE C 293 28.14 8.92 -20.87
CA PHE C 293 27.41 9.03 -19.61
C PHE C 293 28.34 8.73 -18.44
N GLU D 30 -0.56 2.46 -58.09
CA GLU D 30 0.93 2.33 -58.10
C GLU D 30 1.58 3.55 -58.74
N PHE D 31 2.78 3.90 -58.26
CA PHE D 31 3.43 5.17 -58.61
C PHE D 31 3.99 5.22 -60.03
N ARG D 32 3.76 6.35 -60.70
CA ARG D 32 4.34 6.65 -62.01
C ARG D 32 4.80 8.11 -62.00
N PRO D 33 6.02 8.38 -62.52
CA PRO D 33 6.61 9.72 -62.44
C PRO D 33 5.95 10.81 -63.32
N GLU D 34 4.86 10.47 -64.01
CA GLU D 34 4.08 11.46 -64.77
C GLU D 34 3.05 12.17 -63.87
N MET D 35 2.89 11.66 -62.65
CA MET D 35 1.95 12.23 -61.67
C MET D 35 2.40 13.60 -61.18
N LEU D 36 3.72 13.81 -61.13
CA LEU D 36 4.31 15.08 -60.69
C LEU D 36 4.71 15.99 -61.85
N GLN D 37 4.69 15.44 -63.06
CA GLN D 37 4.94 16.21 -64.28
C GLN D 37 3.94 17.36 -64.39
N GLY D 38 4.44 18.58 -64.28
CA GLY D 38 3.60 19.78 -64.38
C GLY D 38 2.99 20.23 -63.05
N LYS D 39 3.12 19.40 -62.02
CA LYS D 39 2.61 19.75 -60.70
C LYS D 39 3.47 20.82 -60.04
N LYS D 40 2.84 21.66 -59.22
CA LYS D 40 3.50 22.77 -58.56
C LYS D 40 3.85 22.39 -57.13
N VAL D 41 5.14 22.20 -56.88
CA VAL D 41 5.63 21.67 -55.60
C VAL D 41 6.49 22.70 -54.84
N ILE D 42 6.39 22.65 -53.51
CA ILE D 42 7.25 23.43 -52.63
C ILE D 42 8.08 22.48 -51.77
N VAL D 43 9.38 22.73 -51.72
CA VAL D 43 10.28 21.93 -50.89
C VAL D 43 11.07 22.85 -49.95
N THR D 44 10.87 22.65 -48.64
CA THR D 44 11.63 23.40 -47.64
C THR D 44 12.92 22.66 -47.31
N GLY D 45 13.89 23.39 -46.78
CA GLY D 45 15.22 22.86 -46.52
C GLY D 45 15.80 22.18 -47.75
N ALA D 46 15.68 22.84 -48.90
CA ALA D 46 16.03 22.26 -50.19
C ALA D 46 17.50 22.44 -50.59
N SER D 47 18.28 23.15 -49.76
CA SER D 47 19.67 23.48 -50.10
C SER D 47 20.63 22.30 -50.00
N LYS D 48 20.30 21.32 -49.15
CA LYS D 48 21.14 20.13 -49.00
C LYS D 48 20.37 19.01 -48.30
N GLY D 49 20.98 17.82 -48.28
CA GLY D 49 20.38 16.65 -47.63
C GLY D 49 19.23 16.04 -48.43
N ILE D 50 18.26 15.50 -47.71
CA ILE D 50 17.07 14.84 -48.31
C ILE D 50 16.26 15.81 -49.18
N GLY D 51 16.13 17.04 -48.69
CA GLY D 51 15.37 18.08 -49.41
C GLY D 51 15.94 18.33 -50.78
N ARG D 52 17.26 18.46 -50.85
CA ARG D 52 17.96 18.65 -52.12
C ARG D 52 17.72 17.47 -53.07
N GLU D 53 17.74 16.25 -52.54
CA GLU D 53 17.49 15.07 -53.34
C GLU D 53 16.06 15.07 -53.87
N MET D 54 15.11 15.40 -53.01
CA MET D 54 13.70 15.54 -53.39
C MET D 54 13.55 16.59 -54.51
N ALA D 55 14.28 17.69 -54.39
CA ALA D 55 14.30 18.71 -55.44
C ALA D 55 14.67 18.09 -56.78
N TYR D 56 15.76 17.30 -56.80
CA TYR D 56 16.27 16.70 -58.03
C TYR D 56 15.30 15.70 -58.65
N HIS D 57 14.73 14.84 -57.80
CA HIS D 57 13.77 13.85 -58.27
C HIS D 57 12.54 14.49 -58.91
N LEU D 58 12.07 15.56 -58.29
CA LEU D 58 10.91 16.30 -58.81
C LEU D 58 11.24 17.02 -60.12
N SER D 59 12.48 17.50 -60.21
CA SER D 59 12.97 18.18 -61.42
C SER D 59 13.09 17.22 -62.59
N LYS D 60 13.60 16.02 -62.33
CA LYS D 60 13.66 14.95 -63.34
C LYS D 60 12.26 14.59 -63.85
N MET D 61 11.29 14.61 -62.96
CA MET D 61 9.90 14.31 -63.31
C MET D 61 9.20 15.45 -64.07
N GLY D 62 9.84 16.60 -64.17
CA GLY D 62 9.30 17.73 -64.93
C GLY D 62 8.24 18.52 -64.18
N ALA D 63 8.48 18.75 -62.89
CA ALA D 63 7.58 19.50 -62.03
C ALA D 63 8.01 20.96 -61.93
N HIS D 64 7.10 21.79 -61.41
CA HIS D 64 7.42 23.17 -61.01
C HIS D 64 7.81 23.17 -59.55
N VAL D 65 8.97 23.71 -59.25
CA VAL D 65 9.49 23.75 -57.88
C VAL D 65 9.81 25.16 -57.40
N VAL D 66 9.46 25.46 -56.16
CA VAL D 66 10.01 26.61 -55.46
C VAL D 66 10.66 26.11 -54.17
N LEU D 67 11.94 26.41 -54.03
CA LEU D 67 12.79 25.88 -52.97
C LEU D 67 13.06 26.94 -51.90
N THR D 68 13.45 26.49 -50.71
CA THR D 68 13.85 27.42 -49.66
C THR D 68 14.85 26.83 -48.68
N ALA D 69 15.61 27.74 -48.07
CA ALA D 69 16.60 27.46 -47.03
C ALA D 69 17.16 28.80 -46.59
N ARG D 70 18.15 28.81 -45.71
CA ARG D 70 18.80 30.08 -45.35
C ARG D 70 19.83 30.49 -46.40
N SER D 71 20.67 29.53 -46.79
CA SER D 71 21.79 29.79 -47.70
C SER D 71 21.32 30.21 -49.09
N GLU D 72 21.53 31.47 -49.43
CA GLU D 72 21.20 32.00 -50.76
C GLU D 72 22.04 31.33 -51.83
N GLU D 73 23.34 31.19 -51.57
CA GLU D 73 24.26 30.51 -52.50
C GLU D 73 23.89 29.03 -52.68
N GLY D 74 23.57 28.38 -51.56
CA GLY D 74 23.21 26.96 -51.55
C GLY D 74 21.98 26.67 -52.39
N LEU D 75 21.00 27.54 -52.29
CA LEU D 75 19.77 27.44 -53.10
C LEU D 75 20.05 27.65 -54.58
N GLN D 76 20.76 28.74 -54.89
CA GLN D 76 21.14 29.09 -56.27
C GLN D 76 21.74 27.92 -57.04
N LYS D 77 22.64 27.19 -56.37
CA LYS D 77 23.32 26.05 -56.98
C LYS D 77 22.36 24.89 -57.25
N VAL D 78 21.44 24.66 -56.31
CA VAL D 78 20.45 23.60 -56.46
C VAL D 78 19.41 23.96 -57.53
N VAL D 79 18.99 25.22 -57.56
CA VAL D 79 18.03 25.69 -58.58
C VAL D 79 18.62 25.52 -59.98
N SER D 80 19.87 25.92 -60.16
CA SER D 80 20.58 25.74 -61.44
C SER D 80 20.58 24.28 -61.89
N ARG D 81 20.90 23.39 -60.96
CA ARG D 81 20.94 21.96 -61.22
C ARG D 81 19.54 21.43 -61.56
N CYS D 82 18.53 21.97 -60.87
CA CYS D 82 17.14 21.59 -61.13
C CYS D 82 16.71 21.91 -62.56
N LEU D 83 17.11 23.07 -63.06
CA LEU D 83 16.85 23.44 -64.46
C LEU D 83 17.52 22.46 -65.42
N GLU D 84 18.79 22.17 -65.19
CA GLU D 84 19.53 21.22 -66.02
C GLU D 84 18.89 19.82 -66.02
N LEU D 85 18.37 19.42 -64.86
CA LEU D 85 17.73 18.10 -64.73
C LEU D 85 16.35 18.05 -65.39
N GLY D 86 15.74 19.21 -65.63
CA GLY D 86 14.55 19.31 -66.48
C GLY D 86 13.28 19.78 -65.80
N ALA D 87 13.42 20.69 -64.83
CA ALA D 87 12.27 21.28 -64.16
C ALA D 87 11.48 22.17 -65.13
N ALA D 88 10.16 22.12 -65.04
CA ALA D 88 9.31 23.03 -65.80
C ALA D 88 9.66 24.46 -65.43
N SER D 89 9.73 24.72 -64.13
CA SER D 89 10.26 25.96 -63.59
C SER D 89 11.03 25.68 -62.30
N ALA D 90 11.68 26.70 -61.77
CA ALA D 90 12.52 26.55 -60.58
C ALA D 90 12.88 27.91 -60.00
N HIS D 91 12.48 28.15 -58.75
CA HIS D 91 12.82 29.40 -58.05
C HIS D 91 13.25 29.14 -56.61
N TYR D 92 14.02 30.09 -56.07
CA TYR D 92 14.39 30.04 -54.65
C TYR D 92 13.96 31.31 -53.92
N ILE D 93 13.62 31.15 -52.65
CA ILE D 93 13.40 32.25 -51.72
C ILE D 93 14.14 31.93 -50.42
N ALA D 94 15.16 32.72 -50.11
CA ALA D 94 15.99 32.47 -48.93
C ALA D 94 15.43 33.11 -47.65
N GLY D 95 15.68 32.46 -46.52
CA GLY D 95 15.29 33.00 -45.22
C GLY D 95 15.33 31.98 -44.11
N THR D 96 15.14 32.43 -42.87
CA THR D 96 15.07 31.55 -41.70
C THR D 96 13.60 31.23 -41.36
N MET D 97 13.32 29.97 -41.07
CA MET D 97 11.98 29.52 -40.71
C MET D 97 11.72 29.62 -39.21
N GLU D 98 12.62 30.31 -38.51
CA GLU D 98 12.37 30.71 -37.12
C GLU D 98 11.49 31.96 -37.13
N ASP D 99 11.51 32.67 -38.25
CA ASP D 99 10.60 33.79 -38.49
C ASP D 99 9.27 33.29 -39.04
N MET D 100 8.20 33.46 -38.27
CA MET D 100 6.88 33.00 -38.68
C MET D 100 6.31 33.86 -39.79
N THR D 101 6.61 35.16 -39.76
CA THR D 101 6.16 36.08 -40.81
C THR D 101 6.78 35.73 -42.17
N PHE D 102 8.02 35.26 -42.16
CA PHE D 102 8.67 34.79 -43.37
C PHE D 102 8.02 33.49 -43.87
N ALA D 103 7.75 32.57 -42.94
CA ALA D 103 7.12 31.29 -43.26
C ALA D 103 5.80 31.47 -44.01
N GLU D 104 4.99 32.43 -43.55
CA GLU D 104 3.71 32.74 -44.18
C GLU D 104 3.88 33.40 -45.54
N GLN D 105 4.77 34.38 -45.60
CA GLN D 105 5.04 35.11 -46.84
C GLN D 105 5.68 34.23 -47.91
N PHE D 106 6.50 33.27 -47.49
CA PHE D 106 7.13 32.35 -48.42
C PHE D 106 6.08 31.57 -49.22
N ILE D 107 5.06 31.05 -48.52
CA ILE D 107 4.01 30.25 -49.16
C ILE D 107 3.20 31.10 -50.15
N VAL D 108 2.91 32.35 -49.78
CA VAL D 108 2.12 33.23 -50.63
C VAL D 108 2.88 33.66 -51.90
N LYS D 109 4.18 33.89 -51.79
CA LYS D 109 5.03 34.19 -52.95
C LYS D 109 5.23 32.95 -53.82
N ALA D 110 5.52 31.83 -53.18
CA ALA D 110 5.66 30.55 -53.88
C ALA D 110 4.43 30.30 -54.76
N GLY D 111 3.25 30.47 -54.17
CA GLY D 111 1.99 30.31 -54.88
C GLY D 111 1.81 31.29 -56.03
N LYS D 112 2.31 32.52 -55.84
CA LYS D 112 2.26 33.55 -56.87
C LYS D 112 3.18 33.23 -58.06
N LEU D 113 4.37 32.73 -57.77
CA LEU D 113 5.33 32.36 -58.83
C LEU D 113 4.80 31.23 -59.74
N MET D 114 4.21 30.21 -59.14
CA MET D 114 3.78 29.00 -59.87
C MET D 114 2.31 29.06 -60.34
N GLY D 115 1.54 30.00 -59.81
CA GLY D 115 0.12 30.13 -60.17
C GLY D 115 -0.78 29.13 -59.47
N GLY D 116 -0.28 28.53 -58.38
CA GLY D 116 -1.02 27.55 -57.60
C GLY D 116 -0.09 26.67 -56.79
N LEU D 117 -0.65 25.67 -56.12
CA LEU D 117 0.14 24.72 -55.33
C LEU D 117 -0.52 23.35 -55.30
N ASP D 118 0.28 22.32 -55.61
CA ASP D 118 -0.19 20.92 -55.64
C ASP D 118 0.37 20.07 -54.51
N MET D 119 1.64 20.29 -54.16
CA MET D 119 2.29 19.52 -53.09
C MET D 119 3.18 20.42 -52.22
N LEU D 120 3.15 20.16 -50.91
CA LEU D 120 3.90 20.94 -49.94
C LEU D 120 4.76 19.99 -49.11
N ILE D 121 6.07 20.01 -49.34
CA ILE D 121 7.00 19.12 -48.61
C ILE D 121 7.71 19.87 -47.47
N LEU D 122 7.13 19.76 -46.28
CA LEU D 122 7.68 20.37 -45.07
C LEU D 122 8.77 19.46 -44.50
N ASN D 123 10.00 19.77 -44.90
CA ASN D 123 11.17 18.91 -44.66
C ASN D 123 12.21 19.53 -43.72
N HIS D 124 12.20 20.86 -43.62
CA HIS D 124 13.26 21.58 -42.91
C HIS D 124 13.26 21.35 -41.40
N ILE D 125 14.44 21.54 -40.79
CA ILE D 125 14.61 21.51 -39.33
C ILE D 125 15.71 22.45 -38.89
N THR D 126 15.65 22.87 -37.63
CA THR D 126 16.75 23.62 -37.02
C THR D 126 17.83 22.65 -36.58
N GLN D 127 19.06 23.13 -36.53
CA GLN D 127 20.20 22.30 -36.13
C GLN D 127 20.01 21.79 -34.71
N THR D 128 20.38 20.54 -34.48
CA THR D 128 20.35 19.94 -33.15
C THR D 128 21.59 19.08 -32.94
N SER D 129 22.18 19.19 -31.76
CA SER D 129 23.31 18.33 -31.38
C SER D 129 22.86 17.26 -30.38
N LEU D 130 23.50 16.10 -30.47
CA LEU D 130 23.23 15.00 -29.55
C LEU D 130 23.89 15.30 -28.21
N SER D 131 23.07 15.60 -27.21
CA SER D 131 23.54 15.73 -25.84
C SER D 131 22.38 15.52 -24.86
N LEU D 132 22.71 15.00 -23.69
CA LEU D 132 21.72 14.83 -22.62
C LEU D 132 21.14 16.20 -22.26
N PHE D 133 19.82 16.31 -22.25
CA PHE D 133 19.18 17.59 -21.95
C PHE D 133 19.63 18.13 -20.59
N HIS D 134 20.17 19.34 -20.60
CA HIS D 134 20.65 19.95 -19.36
C HIS D 134 20.45 21.46 -19.37
N ASP D 135 19.44 21.92 -18.63
CA ASP D 135 19.19 23.36 -18.42
C ASP D 135 19.13 24.10 -19.77
N ASP D 136 18.36 23.55 -20.70
CA ASP D 136 18.39 24.01 -22.10
C ASP D 136 17.01 24.47 -22.58
N ILE D 137 16.50 25.55 -21.98
CA ILE D 137 15.13 26.01 -22.20
C ILE D 137 14.95 26.89 -23.45
N HIS D 138 15.85 27.85 -23.64
CA HIS D 138 15.77 28.74 -24.81
C HIS D 138 15.97 27.99 -26.13
N SER D 139 16.74 26.91 -26.07
CA SER D 139 16.93 26.03 -27.22
C SER D 139 15.66 25.26 -27.56
N VAL D 140 14.95 24.78 -26.53
CA VAL D 140 13.70 24.04 -26.72
C VAL D 140 12.69 24.90 -27.47
N ARG D 141 12.56 26.16 -27.06
CA ARG D 141 11.64 27.10 -27.72
C ARG D 141 11.97 27.22 -29.20
N ARG D 142 13.24 27.46 -29.49
CA ARG D 142 13.71 27.61 -30.87
C ARG D 142 13.42 26.38 -31.72
N VAL D 143 13.58 25.20 -31.13
CA VAL D 143 13.30 23.94 -31.81
C VAL D 143 11.81 23.80 -32.14
N MET D 144 10.94 24.13 -31.19
CA MET D 144 9.48 24.10 -31.42
C MET D 144 9.04 25.11 -32.48
N GLU D 145 9.70 26.26 -32.51
CA GLU D 145 9.39 27.31 -33.50
C GLU D 145 9.71 26.84 -34.92
N VAL D 146 10.89 26.27 -35.10
CA VAL D 146 11.35 25.86 -36.44
C VAL D 146 10.79 24.49 -36.85
N ASN D 147 10.93 23.50 -35.96
CA ASN D 147 10.57 22.12 -36.28
C ASN D 147 9.06 21.84 -36.30
N PHE D 148 8.29 22.65 -35.60
CA PHE D 148 6.84 22.43 -35.50
C PHE D 148 5.98 23.64 -35.90
N LEU D 149 6.19 24.77 -35.24
CA LEU D 149 5.27 25.93 -35.40
C LEU D 149 5.22 26.46 -36.83
N SER D 150 6.38 26.55 -37.47
CA SER D 150 6.45 27.02 -38.86
C SER D 150 5.73 26.07 -39.82
N TYR D 151 5.73 24.78 -39.48
CA TYR D 151 5.02 23.77 -40.26
C TYR D 151 3.52 24.06 -40.23
N VAL D 152 3.04 24.46 -39.06
CA VAL D 152 1.61 24.81 -38.89
C VAL D 152 1.27 26.06 -39.70
N VAL D 153 2.15 27.07 -39.63
CA VAL D 153 1.97 28.31 -40.40
C VAL D 153 1.89 28.04 -41.90
N MET D 154 2.83 27.25 -42.41
CA MET D 154 2.95 26.99 -43.85
C MET D 154 1.82 26.10 -44.37
N SER D 155 1.44 25.10 -43.60
CA SER D 155 0.29 24.26 -43.94
C SER D 155 -0.97 25.11 -43.99
N THR D 156 -1.19 25.90 -42.95
CA THR D 156 -2.34 26.81 -42.86
C THR D 156 -2.37 27.78 -44.03
N ALA D 157 -1.22 28.38 -44.32
CA ALA D 157 -1.09 29.30 -45.45
C ALA D 157 -1.39 28.62 -46.77
N ALA D 158 -0.88 27.41 -46.94
CA ALA D 158 -0.95 26.67 -48.20
C ALA D 158 -2.29 25.96 -48.46
N LEU D 159 -3.06 25.71 -47.39
CA LEU D 159 -4.22 24.83 -47.48
C LEU D 159 -5.25 25.23 -48.56
N PRO D 160 -5.64 26.51 -48.61
CA PRO D 160 -6.55 26.98 -49.66
C PRO D 160 -6.12 26.62 -51.09
N MET D 161 -4.83 26.73 -51.39
CA MET D 161 -4.30 26.32 -52.70
C MET D 161 -4.36 24.80 -52.90
N LEU D 162 -4.09 24.06 -51.84
CA LEU D 162 -4.17 22.59 -51.88
C LEU D 162 -5.62 22.09 -51.97
N LYS D 163 -6.56 22.84 -51.41
CA LYS D 163 -7.99 22.54 -51.55
C LYS D 163 -8.44 22.69 -53.00
N GLN D 164 -7.97 23.76 -53.64
CA GLN D 164 -8.30 24.05 -55.03
C GLN D 164 -7.82 22.95 -56.00
N SER D 165 -6.69 22.34 -55.67
CA SER D 165 -6.05 21.33 -56.54
C SER D 165 -6.20 19.89 -56.06
N ASN D 166 -6.85 19.70 -54.91
CA ASN D 166 -6.87 18.41 -54.20
C ASN D 166 -5.45 17.89 -54.00
N GLY D 167 -4.65 18.70 -53.33
CA GLY D 167 -3.20 18.47 -53.21
C GLY D 167 -2.80 17.60 -52.04
N SER D 168 -1.51 17.66 -51.71
CA SER D 168 -0.92 16.82 -50.67
C SER D 168 0.05 17.61 -49.80
N ILE D 169 0.30 17.10 -48.60
CA ILE D 169 1.35 17.64 -47.73
C ILE D 169 2.26 16.52 -47.25
N ALA D 170 3.56 16.71 -47.40
CA ALA D 170 4.57 15.78 -46.91
C ALA D 170 5.13 16.33 -45.60
N VAL D 171 4.84 15.62 -44.50
CA VAL D 171 5.33 16.02 -43.18
C VAL D 171 6.46 15.06 -42.77
N ILE D 172 7.69 15.52 -42.92
CA ILE D 172 8.85 14.67 -42.73
C ILE D 172 9.17 14.55 -41.24
N SER D 173 9.09 13.32 -40.73
CA SER D 173 9.32 13.04 -39.30
C SER D 173 10.47 12.05 -39.13
N SER D 174 10.48 11.36 -37.99
CA SER D 174 11.58 10.46 -37.65
C SER D 174 11.09 9.27 -36.85
N LEU D 175 11.98 8.31 -36.59
CA LEU D 175 11.74 7.27 -35.59
C LEU D 175 11.58 7.94 -34.23
N ALA D 176 12.34 8.99 -34.00
CA ALA D 176 12.28 9.78 -32.77
C ALA D 176 10.99 10.59 -32.63
N GLY D 177 10.14 10.56 -33.65
CA GLY D 177 8.78 11.12 -33.57
C GLY D 177 7.72 10.11 -33.16
N LYS D 178 8.09 8.84 -33.10
CA LYS D 178 7.19 7.76 -32.71
C LYS D 178 7.66 7.06 -31.43
N VAL D 179 8.97 6.83 -31.35
CA VAL D 179 9.60 6.23 -30.18
C VAL D 179 10.64 7.22 -29.63
N THR D 180 11.10 7.02 -28.39
CA THR D 180 12.08 7.96 -27.79
C THR D 180 13.50 7.44 -27.81
N TYR D 181 14.45 8.38 -27.86
CA TYR D 181 15.89 8.09 -27.78
C TYR D 181 16.57 9.09 -26.84
N PRO D 182 17.57 8.63 -26.06
CA PRO D 182 18.35 9.59 -25.27
C PRO D 182 19.09 10.63 -26.12
N MET D 183 19.35 11.78 -25.52
CA MET D 183 20.12 12.87 -26.16
C MET D 183 19.43 13.56 -27.35
N VAL D 184 18.11 13.48 -27.42
CA VAL D 184 17.35 14.15 -28.50
C VAL D 184 15.95 14.57 -28.01
N ALA D 185 15.89 15.12 -26.81
CA ALA D 185 14.61 15.43 -26.15
C ALA D 185 13.79 16.52 -26.86
N PRO D 186 14.42 17.66 -27.21
CA PRO D 186 13.68 18.75 -27.89
C PRO D 186 13.28 18.39 -29.32
N TYR D 187 14.18 17.70 -30.02
CA TYR D 187 13.93 17.15 -31.34
C TYR D 187 12.70 16.23 -31.35
N SER D 188 12.65 15.32 -30.39
CA SER D 188 11.52 14.38 -30.24
C SER D 188 10.22 15.12 -29.94
N ALA D 189 10.28 16.03 -28.98
CA ALA D 189 9.11 16.82 -28.60
C ALA D 189 8.46 17.42 -29.85
N SER D 190 9.26 18.00 -30.72
CA SER D 190 8.77 18.66 -31.94
C SER D 190 8.16 17.67 -32.94
N LYS D 191 8.86 16.58 -33.21
CA LYS D 191 8.38 15.56 -34.16
C LYS D 191 7.17 14.80 -33.64
N PHE D 192 7.11 14.57 -32.32
CA PHE D 192 5.91 14.03 -31.69
C PHE D 192 4.73 15.00 -31.89
N ALA D 193 5.02 16.30 -31.73
CA ALA D 193 4.00 17.34 -31.95
C ALA D 193 3.46 17.29 -33.38
N LEU D 194 4.36 17.04 -34.34
CA LEU D 194 3.95 16.92 -35.74
C LEU D 194 3.01 15.73 -35.96
N ASP D 195 3.24 14.65 -35.22
CA ASP D 195 2.37 13.46 -35.30
C ASP D 195 0.99 13.73 -34.68
N GLY D 196 0.96 14.49 -33.59
CA GLY D 196 -0.29 14.84 -32.93
C GLY D 196 -1.15 15.79 -33.74
N PHE D 197 -0.51 16.83 -34.27
CA PHE D 197 -1.22 17.89 -35.00
C PHE D 197 -1.72 17.42 -36.37
N PHE D 198 -0.80 16.97 -37.22
CA PHE D 198 -1.12 16.61 -38.60
C PHE D 198 -1.95 15.33 -38.75
N SER D 199 -1.89 14.46 -37.75
CA SER D 199 -2.77 13.28 -37.73
C SER D 199 -4.21 13.69 -37.45
N THR D 200 -4.38 14.69 -36.58
CA THR D 200 -5.70 15.24 -36.28
C THR D 200 -6.28 15.99 -37.49
N ILE D 201 -5.48 16.88 -38.09
CA ILE D 201 -5.87 17.63 -39.28
C ILE D 201 -6.26 16.68 -40.39
N ARG D 202 -5.47 15.62 -40.59
CA ARG D 202 -5.77 14.60 -41.60
C ARG D 202 -7.19 14.07 -41.41
N THR D 203 -7.50 13.63 -40.20
CA THR D 203 -8.83 13.10 -39.87
C THR D 203 -9.94 14.11 -40.16
N GLU D 204 -9.74 15.35 -39.73
CA GLU D 204 -10.72 16.40 -39.95
C GLU D 204 -10.99 16.61 -41.45
N LEU D 205 -9.93 16.60 -42.25
CA LEU D 205 -10.06 16.69 -43.72
C LEU D 205 -10.82 15.49 -44.29
N TYR D 206 -10.59 14.32 -43.71
CA TYR D 206 -11.23 13.10 -44.18
C TYR D 206 -12.73 13.11 -43.86
N ILE D 207 -13.06 13.34 -42.58
CA ILE D 207 -14.45 13.32 -42.13
C ILE D 207 -15.27 14.52 -42.63
N THR D 208 -14.60 15.56 -43.10
CA THR D 208 -15.28 16.70 -43.72
C THR D 208 -15.24 16.63 -45.25
N LYS D 209 -14.76 15.51 -45.78
CA LYS D 209 -14.74 15.24 -47.23
C LYS D 209 -13.89 16.23 -48.05
N VAL D 210 -12.91 16.86 -47.40
CA VAL D 210 -11.98 17.75 -48.10
C VAL D 210 -10.84 16.90 -48.64
N ASN D 211 -10.64 16.93 -49.96
CA ASN D 211 -9.73 15.99 -50.63
C ASN D 211 -8.27 16.45 -50.65
N VAL D 212 -7.71 16.66 -49.47
CA VAL D 212 -6.29 16.97 -49.32
C VAL D 212 -5.64 15.89 -48.45
N SER D 213 -4.55 15.32 -48.94
CA SER D 213 -3.85 14.24 -48.23
C SER D 213 -2.70 14.78 -47.38
N ILE D 214 -2.45 14.10 -46.26
CA ILE D 214 -1.33 14.43 -45.38
C ILE D 214 -0.51 13.16 -45.15
N THR D 215 0.80 13.24 -45.37
CA THR D 215 1.69 12.08 -45.23
C THR D 215 2.75 12.32 -44.15
N LEU D 216 2.77 11.43 -43.16
CA LEU D 216 3.77 11.45 -42.10
C LEU D 216 4.87 10.44 -42.41
N CYS D 217 6.01 10.93 -42.89
CA CYS D 217 7.13 10.07 -43.26
C CYS D 217 8.01 9.77 -42.05
N VAL D 218 7.90 8.55 -41.53
CA VAL D 218 8.77 8.12 -40.44
C VAL D 218 10.08 7.56 -41.00
N LEU D 219 11.17 8.28 -40.72
CA LEU D 219 12.48 7.98 -41.29
C LEU D 219 13.49 7.51 -40.23
N GLY D 220 14.26 6.49 -40.58
CA GLY D 220 15.40 6.07 -39.78
C GLY D 220 16.63 6.89 -40.15
N LEU D 221 17.77 6.54 -39.57
CA LEU D 221 19.03 7.26 -39.83
C LEU D 221 19.36 7.29 -41.32
N ILE D 222 19.52 8.50 -41.86
CA ILE D 222 19.83 8.71 -43.29
C ILE D 222 21.24 9.28 -43.43
N ASP D 223 21.93 8.90 -44.49
CA ASP D 223 23.35 9.22 -44.68
C ASP D 223 23.64 10.66 -45.17
N THR D 224 22.88 11.62 -44.67
CA THR D 224 23.16 13.03 -44.98
C THR D 224 24.41 13.48 -44.21
N GLU D 225 25.13 14.42 -44.79
CA GLU D 225 26.39 14.92 -44.23
C GLU D 225 26.23 15.47 -42.81
N THR D 226 25.11 16.12 -42.54
CA THR D 226 24.81 16.67 -41.22
C THR D 226 24.59 15.56 -40.18
N ALA D 227 23.82 14.56 -40.57
CA ALA D 227 23.46 13.45 -39.67
C ALA D 227 24.68 12.62 -39.29
N MET D 228 25.51 12.30 -40.29
CA MET D 228 26.72 11.51 -40.09
C MET D 228 27.72 12.24 -39.20
N LYS D 229 27.87 13.54 -39.45
CA LYS D 229 28.69 14.39 -38.60
C LYS D 229 28.24 14.35 -37.14
N GLU D 230 26.93 14.35 -36.93
CA GLU D 230 26.36 14.41 -35.57
C GLU D 230 26.45 13.10 -34.81
N ILE D 231 26.10 11.99 -35.46
CA ILE D 231 26.17 10.66 -34.82
C ILE D 231 27.62 10.18 -34.63
N SER D 232 28.56 10.86 -35.28
CA SER D 232 29.98 10.55 -35.17
C SER D 232 30.47 10.50 -33.72
N GLY D 233 31.05 9.38 -33.33
CA GLY D 233 31.60 9.19 -31.98
C GLY D 233 30.58 8.90 -30.88
N ILE D 234 29.29 9.02 -31.20
CA ILE D 234 28.22 8.87 -30.21
C ILE D 234 27.38 7.64 -30.48
N ILE D 235 26.86 7.54 -31.70
CA ILE D 235 25.96 6.46 -32.09
C ILE D 235 26.58 5.59 -33.18
N ASN D 236 26.51 4.28 -32.98
CA ASN D 236 27.04 3.31 -33.95
C ASN D 236 25.89 2.56 -34.63
N ALA D 237 25.37 3.15 -35.70
CA ALA D 237 24.22 2.59 -36.43
C ALA D 237 24.39 2.77 -37.93
N GLN D 238 23.80 1.84 -38.68
CA GLN D 238 23.86 1.88 -40.15
C GLN D 238 22.85 2.87 -40.73
N ALA D 239 23.32 3.71 -41.66
CA ALA D 239 22.47 4.69 -42.33
C ALA D 239 21.93 4.14 -43.64
N SER D 240 20.88 4.78 -44.15
CA SER D 240 20.29 4.44 -45.45
C SER D 240 20.56 5.56 -46.45
N PRO D 241 20.59 5.24 -47.76
CA PRO D 241 20.91 6.24 -48.79
C PRO D 241 19.87 7.34 -48.93
N LYS D 242 20.35 8.57 -49.05
CA LYS D 242 19.50 9.76 -49.10
C LYS D 242 18.71 9.90 -50.40
N GLU D 243 19.20 9.32 -51.49
CA GLU D 243 18.55 9.43 -52.80
C GLU D 243 17.30 8.57 -52.84
N GLU D 244 17.43 7.32 -52.41
CA GLU D 244 16.29 6.40 -52.35
C GLU D 244 15.26 6.90 -51.34
N CYS D 245 15.74 7.44 -50.22
CA CYS D 245 14.87 8.02 -49.18
C CYS D 245 13.99 9.15 -49.72
N ALA D 246 14.60 10.09 -50.42
CA ALA D 246 13.90 11.23 -51.02
C ALA D 246 12.80 10.77 -51.96
N LEU D 247 13.08 9.70 -52.70
CA LEU D 247 12.15 9.17 -53.71
C LEU D 247 10.91 8.56 -53.05
N GLU D 248 11.12 7.77 -52.00
CA GLU D 248 10.03 7.13 -51.26
C GLU D 248 9.06 8.16 -50.67
N ILE D 249 9.59 9.27 -50.18
CA ILE D 249 8.76 10.36 -49.64
C ILE D 249 7.87 10.93 -50.75
N ILE D 250 8.49 11.19 -51.90
CA ILE D 250 7.77 11.71 -53.06
C ILE D 250 6.70 10.75 -53.54
N LYS D 251 7.05 9.47 -53.62
CA LYS D 251 6.10 8.43 -54.01
C LYS D 251 4.97 8.30 -52.99
N GLY D 252 5.35 8.24 -51.71
CA GLY D 252 4.39 8.08 -50.62
C GLY D 252 3.37 9.20 -50.53
N THR D 253 3.83 10.42 -50.78
CA THR D 253 2.96 11.59 -50.78
C THR D 253 2.07 11.60 -52.03
N ALA D 254 2.68 11.34 -53.19
CA ALA D 254 1.95 11.29 -54.47
C ALA D 254 0.86 10.22 -54.49
N LEU D 255 1.09 9.10 -53.81
CA LEU D 255 0.10 8.03 -53.70
C LEU D 255 -0.85 8.24 -52.52
N ARG D 256 -0.73 9.39 -51.87
CA ARG D 256 -1.68 9.80 -50.83
C ARG D 256 -1.78 8.78 -49.71
N LYS D 257 -0.62 8.33 -49.23
CA LYS D 257 -0.56 7.40 -48.10
C LYS D 257 -0.49 8.18 -46.79
N SER D 258 -1.10 7.62 -45.75
CA SER D 258 -1.16 8.27 -44.44
C SER D 258 0.23 8.36 -43.81
N GLU D 259 0.95 7.26 -43.87
CA GLU D 259 2.32 7.19 -43.37
C GLU D 259 3.23 6.49 -44.36
N VAL D 260 4.51 6.84 -44.32
CA VAL D 260 5.55 6.17 -45.08
C VAL D 260 6.68 5.85 -44.13
N TYR D 261 7.25 4.66 -44.27
CA TYR D 261 8.36 4.23 -43.41
C TYR D 261 9.61 3.97 -44.23
N TYR D 262 10.75 4.45 -43.75
CA TYR D 262 12.03 4.22 -44.41
C TYR D 262 13.14 3.99 -43.39
N ASP D 263 13.60 2.75 -43.30
CA ASP D 263 14.65 2.35 -42.39
C ASP D 263 15.37 1.12 -42.92
N LYS D 264 16.60 0.88 -42.44
CA LYS D 264 17.36 -0.32 -42.79
C LYS D 264 16.61 -1.58 -42.41
N SER D 265 16.19 -1.65 -41.15
CA SER D 265 15.53 -2.84 -40.62
C SER D 265 14.10 -2.98 -41.14
N PRO D 266 13.74 -4.19 -41.60
CA PRO D 266 12.35 -4.46 -42.00
C PRO D 266 11.40 -4.67 -40.82
N LEU D 267 11.96 -4.82 -39.61
CA LEU D 267 11.16 -4.93 -38.38
C LEU D 267 10.51 -3.61 -37.97
N THR D 268 11.01 -2.50 -38.50
CA THR D 268 10.58 -1.17 -38.06
C THR D 268 9.08 -0.91 -38.24
N PRO D 269 8.56 -1.05 -39.48
CA PRO D 269 7.13 -0.74 -39.68
C PRO D 269 6.17 -1.62 -38.86
N ILE D 270 6.60 -2.85 -38.55
CA ILE D 270 5.79 -3.76 -37.73
C ILE D 270 5.83 -3.35 -36.25
N LEU D 271 7.01 -3.03 -35.74
CA LEU D 271 7.17 -2.59 -34.35
C LEU D 271 6.63 -1.17 -34.12
N LEU D 272 6.59 -0.37 -35.18
CA LEU D 272 6.01 0.97 -35.14
C LEU D 272 4.65 1.03 -35.87
N GLY D 273 3.99 -0.12 -35.96
CA GLY D 273 2.67 -0.19 -36.60
C GLY D 273 1.59 0.38 -35.71
N ASN D 274 1.55 -0.11 -34.47
CA ASN D 274 0.58 0.32 -33.47
C ASN D 274 -0.86 0.16 -33.96
N PRO D 275 -1.35 -1.10 -33.98
CA PRO D 275 -2.71 -1.37 -34.45
C PRO D 275 -3.76 -0.92 -33.44
N GLY D 276 -3.37 -0.83 -32.17
CA GLY D 276 -4.26 -0.37 -31.11
C GLY D 276 -4.71 1.06 -31.30
N ARG D 277 -3.77 1.94 -31.66
CA ARG D 277 -4.07 3.34 -31.93
C ARG D 277 -5.01 3.49 -33.13
N LYS D 278 -4.80 2.67 -34.16
CA LYS D 278 -5.64 2.71 -35.36
C LYS D 278 -7.06 2.22 -35.07
N ILE D 279 -7.17 1.17 -34.27
CA ILE D 279 -8.46 0.67 -33.77
C ILE D 279 -9.17 1.75 -32.97
N MET D 280 -8.45 2.29 -31.99
CA MET D 280 -8.94 3.39 -31.14
C MET D 280 -9.52 4.54 -31.95
N GLU D 281 -8.75 5.02 -32.91
CA GLU D 281 -9.13 6.19 -33.72
C GLU D 281 -10.36 5.98 -34.60
N PHE D 282 -10.52 4.76 -35.13
CA PHE D 282 -11.65 4.44 -36.00
C PHE D 282 -12.98 4.43 -35.24
N PHE D 283 -13.04 3.65 -34.17
CA PHE D 283 -14.27 3.52 -33.37
C PHE D 283 -14.63 4.81 -32.63
N SER D 284 -13.62 5.61 -32.31
CA SER D 284 -13.80 6.89 -31.61
C SER D 284 -14.71 7.88 -32.34
N LEU D 285 -14.73 7.80 -33.67
CA LEU D 285 -15.56 8.70 -34.50
C LEU D 285 -17.07 8.51 -34.29
N ARG D 286 -17.47 7.41 -33.66
CA ARG D 286 -18.88 7.17 -33.35
C ARG D 286 -19.39 8.01 -32.17
N TYR D 287 -18.49 8.38 -31.26
CA TYR D 287 -18.82 9.30 -30.16
C TYR D 287 -19.37 10.64 -30.66
N TYR D 288 -18.86 11.10 -31.79
CA TYR D 288 -19.17 12.44 -32.31
C TYR D 288 -20.56 12.59 -32.88
N ASN D 289 -21.09 13.79 -32.77
CA ASN D 289 -22.28 14.21 -33.50
C ASN D 289 -21.89 14.46 -34.95
N LYS D 290 -22.43 13.66 -35.88
CA LYS D 290 -22.04 13.73 -37.29
C LYS D 290 -22.35 15.08 -37.94
N ASP D 291 -23.30 15.82 -37.36
CA ASP D 291 -23.67 17.15 -37.83
C ASP D 291 -22.52 18.16 -37.77
N MET D 292 -21.48 17.85 -36.99
CA MET D 292 -20.29 18.71 -36.92
C MET D 292 -19.48 18.70 -38.22
N PHE D 293 -19.79 17.79 -39.13
CA PHE D 293 -19.05 17.63 -40.38
C PHE D 293 -19.99 17.71 -41.58
#